data_8T3Q
#
_entry.id   8T3Q
#
_cell.length_a   1.00
_cell.length_b   1.00
_cell.length_c   1.00
_cell.angle_alpha   90.00
_cell.angle_beta   90.00
_cell.angle_gamma   90.00
#
_symmetry.space_group_name_H-M   'P 1'
#
loop_
_entity.id
_entity.type
_entity.pdbx_description
1 polymer 'Guanine nucleotide-binding protein G(q)'
2 polymer 'Guanine nucleotide-binding protein G(I)/G(S)/G(T) subunit beta-1'
3 polymer scFv16
4 polymer 'Guanine nucleotide-binding protein G(I)/G(S)/G(O) subunit gamma-2'
5 polymer 'Free fatty acid receptor 4'
6 non-polymer 'DOCOSA-4,7,10,13,16,19-HEXAENOIC ACID'
#
loop_
_entity_poly.entity_id
_entity_poly.type
_entity_poly.pdbx_seq_one_letter_code
_entity_poly.pdbx_strand_id
1 'polypeptide(L)'
;VSAEDKAAAERSKMIDKNLREDGEKARRTLRLLLLGADNSGKSTIVKQMTSGIFETKFQVDKVNFHMFDVGGQRDERRKW
IQCFNDVTAIIFVVDSSDYNRLQEALNDFKSIWNNRWLRTISVILFLNKQDLLAEKVLAGKSKIEDYFPEFARYTTPEDA
TPEPGEDPRVTRAKYFIRKEFVDISTASGDGRHICYPHFTCAVDTENARRIFNDCKDIILQMNLREYNLV
;
A
2 'polypeptide(L)'
;SELDQLRQEAEQLKNQIRDARKACADATLSQITNNIDPVGRIQMRTRRTLRGHLAKIYAMHWGTDSRLLVSASQDGKLII
WDSYTTNKVHAIPLRSSWVMTCAYAPSGNYVACGGLDNICSIYNLKTREGNVRVSRELAGHTGYLSCCRFLDDNQIVTSS
GDTTCALWDIETGQQTTTFTGHTGDVMSLSLAPDTRLFVSGACDASAKLWDVREGMCRQTFTGHESDINAICFFPNGNAF
ATGSDDATCRLFDLRADQELMTYSHDNIICGITSVSFSKSGRLLLAGYDDFNCNVWDALKADRAGVLAGHDNRVSCLGVT
DDGMAVATGSWDSFLKIWNGSS
;
B
3 'polypeptide(L)'
;VQLVESGGGLVQPGGSRKLSCSASGFAFSSFGMHWVRQAPEKGLEWVAYISSGSGTIYYADTVKGRFTISRDDPKNTLFL
QMTSLRSEDTAMYYCVRSIYYYGSSPFDFWGQGTTLTVSAGGGGSGGGGSGGGGSADIVMTQATSSVPVTPGESVSISCR
SSKSLLHSNGNTYLYWFLQRPGQSPQLLIYRMSNLASGVPDRFSGSGSGTAFTLTISRLEAEDVGVYYCMQHLEYPLTFG
AGTKLELLEENLYFQGASHHHHHHHH
;
N
4 'polypeptide(L)' TASIAQARKLVEQLKMEANIDRIKVSKAAADLMAYCEAHAKEDPLLTPVPASENPFR G
5 'polypeptide(L)'
;RTRFPFFSDVKGDHRLVLAAVETTVLVLIFAVSLLGNVCALVLVARRRRRGATACLVLNLFCADLLFISAIPLVLAVRWT
EAWLLGPVACHLLFYVMTLSGSVTILTLAAVSLERMVCIVHLQRGVRGPGRRARAVLLALIWGYSAVAALPLCVFFRVVP
QRLPGADQEISICTLIWPTIPGEISWDVSFVTLNFLVPGLVIVISYSKILQITKASRKRLTVSLAYSESHQIRVSQQDFR
LFRTLFLLMVSFFIMWSPIIITILLILIQNFKQDLVIWPSLFFWVVAFTFANSALNPILYNMTLCRNE
;
R
#
loop_
_chem_comp.id
_chem_comp.type
_chem_comp.name
_chem_comp.formula
HXA non-polymer 'DOCOSA-4,7,10,13,16,19-HEXAENOIC ACID' 'C22 H32 O2'
#
# COMPACT_ATOMS: atom_id res chain seq x y z
N VAL A 1 26.99 -0.36 2.75
CA VAL A 1 26.43 -0.37 1.41
C VAL A 1 27.43 0.22 0.42
N SER A 2 27.31 -0.19 -0.84
CA SER A 2 28.22 0.28 -1.88
C SER A 2 27.80 1.67 -2.33
N ALA A 3 28.62 2.30 -3.17
CA ALA A 3 28.24 3.57 -3.77
C ALA A 3 27.04 3.39 -4.71
N GLU A 4 27.05 2.32 -5.49
CA GLU A 4 25.92 2.03 -6.37
C GLU A 4 24.65 1.76 -5.57
N ASP A 5 24.78 1.03 -4.45
CA ASP A 5 23.63 0.82 -3.58
C ASP A 5 23.14 2.11 -2.93
N LYS A 6 24.05 3.01 -2.55
CA LYS A 6 23.64 4.30 -2.01
C LYS A 6 22.87 5.11 -3.05
N ALA A 7 23.35 5.10 -4.29
CA ALA A 7 22.65 5.81 -5.35
C ALA A 7 21.30 5.16 -5.66
N ALA A 8 21.21 3.83 -5.58
CA ALA A 8 19.93 3.16 -5.76
C ALA A 8 18.95 3.53 -4.65
N ALA A 9 19.44 3.61 -3.40
CA ALA A 9 18.58 4.05 -2.30
C ALA A 9 18.12 5.48 -2.49
N GLU A 10 19.00 6.36 -2.98
CA GLU A 10 18.58 7.73 -3.30
C GLU A 10 17.52 7.75 -4.38
N ARG A 11 17.68 6.94 -5.41
CA ARG A 11 16.66 6.85 -6.46
C ARG A 11 15.33 6.37 -5.90
N SER A 12 15.36 5.37 -5.03
CA SER A 12 14.12 4.89 -4.42
C SER A 12 13.49 5.96 -3.54
N LYS A 13 14.30 6.75 -2.83
CA LYS A 13 13.76 7.84 -2.03
C LYS A 13 13.08 8.90 -2.90
N MET A 14 13.67 9.22 -4.06
CA MET A 14 13.03 10.18 -4.94
C MET A 14 11.77 9.61 -5.56
N ILE A 15 11.76 8.30 -5.85
CA ILE A 15 10.54 7.64 -6.31
C ILE A 15 9.46 7.75 -5.24
N ASP A 16 9.83 7.55 -3.97
CA ASP A 16 8.89 7.72 -2.87
C ASP A 16 8.37 9.14 -2.78
N LYS A 17 9.23 10.14 -2.98
CA LYS A 17 8.77 11.52 -2.94
C LYS A 17 7.76 11.80 -4.04
N ASN A 18 8.04 11.33 -5.26
CA ASN A 18 7.09 11.50 -6.36
C ASN A 18 5.78 10.78 -6.07
N LEU A 19 5.85 9.58 -5.50
CA LEU A 19 4.64 8.84 -5.15
C LEU A 19 3.80 9.59 -4.12
N ARG A 20 4.46 10.14 -3.09
CA ARG A 20 3.74 10.90 -2.08
C ARG A 20 3.10 12.15 -2.67
N GLU A 21 3.80 12.85 -3.55
CA GLU A 21 3.22 14.02 -4.21
C GLU A 21 1.99 13.64 -5.03
N ASP A 22 2.10 12.56 -5.80
CA ASP A 22 0.96 12.12 -6.61
C ASP A 22 -0.23 11.71 -5.74
N GLY A 23 0.04 10.99 -4.64
CA GLY A 23 -1.05 10.59 -3.75
C GLY A 23 -1.71 11.77 -3.07
N GLU A 24 -0.92 12.75 -2.64
CA GLU A 24 -1.50 13.96 -2.06
C GLU A 24 -2.29 14.77 -3.07
N LYS A 25 -1.88 14.78 -4.33
CA LYS A 25 -2.65 15.46 -5.37
C LYS A 25 -3.87 14.67 -5.81
N ALA A 26 -3.92 13.37 -5.55
CA ALA A 26 -5.04 12.52 -5.96
C ALA A 26 -5.96 12.11 -4.82
N ARG A 27 -5.74 12.62 -3.61
CA ARG A 27 -6.59 12.27 -2.47
C ARG A 27 -7.66 13.31 -2.21
N ARG A 28 -7.43 14.56 -2.59
CA ARG A 28 -8.41 15.62 -2.37
C ARG A 28 -9.69 15.43 -3.17
N THR A 29 -9.66 14.62 -4.22
CA THR A 29 -10.85 14.37 -5.03
C THR A 29 -11.65 13.20 -4.48
N LEU A 30 -12.96 13.26 -4.67
CA LEU A 30 -13.88 12.23 -4.23
C LEU A 30 -14.43 11.50 -5.45
N ARG A 31 -14.36 10.18 -5.42
CA ARG A 31 -14.72 9.34 -6.55
C ARG A 31 -16.10 8.75 -6.32
N LEU A 32 -17.01 8.98 -7.26
CA LEU A 32 -18.34 8.41 -7.21
C LEU A 32 -18.39 7.14 -8.06
N LEU A 33 -19.59 6.60 -8.25
CA LEU A 33 -19.78 5.45 -9.13
C LEU A 33 -21.23 5.45 -9.59
N LEU A 34 -21.43 5.58 -10.90
CA LEU A 34 -22.76 5.69 -11.49
C LEU A 34 -23.24 4.33 -11.94
N LEU A 35 -24.49 4.00 -11.61
CA LEU A 35 -25.05 2.69 -11.90
C LEU A 35 -26.45 2.89 -12.47
N GLY A 36 -27.18 1.78 -12.64
CA GLY A 36 -28.46 1.82 -13.32
C GLY A 36 -28.47 0.91 -14.53
N ALA A 37 -29.60 0.25 -14.78
CA ALA A 37 -29.64 -0.78 -15.83
C ALA A 37 -29.82 -0.17 -17.22
N ASP A 38 -30.98 0.44 -17.47
CA ASP A 38 -31.32 0.97 -18.77
C ASP A 38 -32.62 1.74 -18.67
N ASN A 39 -32.87 2.61 -19.65
CA ASN A 39 -34.06 3.46 -19.68
C ASN A 39 -34.15 4.30 -18.41
N SER A 40 -33.00 4.59 -17.81
CA SER A 40 -32.92 5.34 -16.56
C SER A 40 -32.23 6.68 -16.70
N GLY A 41 -31.55 6.93 -17.82
CA GLY A 41 -30.89 8.21 -18.03
C GLY A 41 -29.72 8.46 -17.10
N LYS A 42 -28.83 7.48 -16.97
CA LYS A 42 -27.67 7.66 -16.11
C LYS A 42 -26.78 8.80 -16.62
N SER A 43 -26.60 8.89 -17.94
CA SER A 43 -25.75 9.91 -18.53
C SER A 43 -26.40 11.30 -18.53
N THR A 44 -27.66 11.40 -18.14
CA THR A 44 -28.38 12.67 -18.15
C THR A 44 -28.73 13.13 -16.74
N ILE A 45 -27.77 13.00 -15.81
CA ILE A 45 -27.98 13.42 -14.44
C ILE A 45 -27.35 14.80 -14.25
N VAL A 46 -26.07 14.93 -14.60
CA VAL A 46 -25.36 16.20 -14.52
C VAL A 46 -25.18 16.82 -15.90
N LYS A 47 -24.78 16.01 -16.87
CA LYS A 47 -24.57 16.45 -18.25
C LYS A 47 -23.54 17.57 -18.35
N GLN A 48 -22.53 17.53 -17.47
CA GLN A 48 -21.45 18.51 -17.46
C GLN A 48 -20.14 17.75 -17.32
N MET A 49 -19.53 17.41 -18.45
CA MET A 49 -18.27 16.69 -18.46
C MET A 49 -17.09 17.66 -18.44
N THR A 50 -9.42 3.60 -21.49
CA THR A 50 -10.75 3.58 -20.91
C THR A 50 -11.82 3.36 -21.98
N SER A 51 -11.78 2.19 -22.63
CA SER A 51 -12.74 1.86 -23.67
C SER A 51 -14.06 1.40 -23.09
N GLY A 52 -14.04 0.48 -22.13
CA GLY A 52 -15.25 -0.04 -21.54
C GLY A 52 -15.63 0.61 -20.23
N ILE A 53 -15.05 1.77 -19.95
CA ILE A 53 -15.36 2.52 -18.74
C ILE A 53 -15.30 4.00 -19.05
N PHE A 54 -16.33 4.73 -18.67
CA PHE A 54 -16.40 6.17 -18.91
C PHE A 54 -15.95 6.92 -17.66
N GLU A 55 -15.97 8.24 -17.72
CA GLU A 55 -15.59 9.08 -16.60
C GLU A 55 -16.16 10.47 -16.81
N THR A 56 -16.46 11.15 -15.71
CA THR A 56 -17.00 12.50 -15.76
C THR A 56 -16.42 13.29 -14.61
N LYS A 57 -15.96 14.51 -14.89
CA LYS A 57 -15.39 15.38 -13.87
C LYS A 57 -16.21 16.65 -13.75
N PHE A 58 -16.66 16.95 -12.53
CA PHE A 58 -17.35 18.18 -12.23
C PHE A 58 -16.96 18.63 -10.83
N GLN A 59 -17.05 19.93 -10.58
CA GLN A 59 -16.63 20.49 -9.31
C GLN A 59 -17.65 21.50 -8.83
N VAL A 60 -17.91 21.48 -7.51
CA VAL A 60 -18.75 22.47 -6.86
C VAL A 60 -18.08 22.87 -5.56
N ASP A 61 -18.03 24.18 -5.30
CA ASP A 61 -17.44 24.74 -4.08
C ASP A 61 -16.01 24.25 -3.88
N LYS A 62 -15.22 24.28 -4.97
CA LYS A 62 -13.81 23.92 -4.94
C LYS A 62 -13.58 22.47 -4.49
N VAL A 63 -14.56 21.61 -4.72
CA VAL A 63 -14.45 20.17 -4.46
C VAL A 63 -14.70 19.43 -5.77
N ASN A 64 -13.76 18.58 -6.15
CA ASN A 64 -13.79 17.90 -7.44
C ASN A 64 -14.34 16.48 -7.25
N PHE A 65 -15.40 16.18 -7.99
CA PHE A 65 -15.96 14.84 -8.03
C PHE A 65 -15.53 14.13 -9.31
N HIS A 66 -15.56 12.80 -9.27
CA HIS A 66 -15.08 11.98 -10.39
C HIS A 66 -15.95 10.73 -10.47
N MET A 67 -16.86 10.72 -11.43
CA MET A 67 -17.78 9.60 -11.62
C MET A 67 -17.19 8.58 -12.58
N PHE A 68 -17.60 7.33 -12.41
CA PHE A 68 -17.14 6.22 -13.26
C PHE A 68 -18.36 5.41 -13.70
N ASP A 69 -18.93 5.79 -14.85
CA ASP A 69 -20.01 5.03 -15.45
C ASP A 69 -19.40 3.87 -16.22
N VAL A 70 -19.39 2.69 -15.60
CA VAL A 70 -18.74 1.52 -16.19
C VAL A 70 -19.69 0.93 -17.23
N GLY A 71 -19.50 1.31 -18.49
CA GLY A 71 -20.32 0.79 -19.57
C GLY A 71 -19.51 0.07 -20.61
N GLY A 72 -19.79 -1.22 -20.79
CA GLY A 72 -19.06 -2.04 -21.75
C GLY A 72 -18.82 -3.45 -21.27
N GLN A 73 -19.14 -3.71 -20.00
CA GLN A 73 -18.99 -5.05 -19.45
C GLN A 73 -20.16 -5.93 -19.88
N ARG A 74 -20.18 -7.16 -19.38
CA ARG A 74 -21.16 -8.15 -19.80
C ARG A 74 -22.41 -8.12 -18.92
N ASP A 75 -22.97 -6.93 -18.73
CA ASP A 75 -24.26 -6.74 -18.07
C ASP A 75 -24.29 -7.24 -16.63
N GLU A 76 -23.14 -7.65 -16.10
CA GLU A 76 -23.06 -8.19 -14.75
C GLU A 76 -22.01 -7.40 -13.96
N ARG A 77 -22.39 -6.93 -12.77
CA ARG A 77 -21.52 -6.16 -11.90
C ARG A 77 -21.02 -6.96 -10.71
N ARG A 78 -21.11 -8.29 -10.79
CA ARG A 78 -20.79 -9.12 -9.64
C ARG A 78 -19.31 -9.11 -9.29
N LYS A 79 -18.43 -9.07 -10.29
CA LYS A 79 -17.01 -9.29 -10.06
C LYS A 79 -16.17 -8.02 -10.02
N TRP A 80 -16.43 -7.06 -10.90
CA TRP A 80 -15.61 -5.85 -10.96
C TRP A 80 -16.07 -4.79 -9.97
N ILE A 81 -17.13 -5.05 -9.19
CA ILE A 81 -17.56 -4.11 -8.17
C ILE A 81 -16.60 -4.04 -7.00
N GLN A 82 -15.68 -5.00 -6.88
CA GLN A 82 -14.69 -4.97 -5.81
C GLN A 82 -13.69 -3.85 -5.99
N CYS A 83 -13.39 -3.46 -7.23
CA CYS A 83 -12.47 -2.35 -7.46
C CYS A 83 -13.03 -1.05 -6.90
N PHE A 84 -14.34 -0.87 -6.94
CA PHE A 84 -14.98 0.34 -6.44
C PHE A 84 -15.36 0.18 -4.97
N ASN A 85 -14.33 -0.12 -4.16
CA ASN A 85 -14.50 -0.32 -2.74
C ASN A 85 -14.15 0.91 -1.91
N ASP A 86 -13.33 1.81 -2.44
CA ASP A 86 -12.92 3.01 -1.73
C ASP A 86 -13.67 4.25 -2.19
N VAL A 87 -14.71 4.08 -3.01
CA VAL A 87 -15.49 5.23 -3.45
C VAL A 87 -16.28 5.80 -2.28
N THR A 88 -16.55 7.10 -2.34
CA THR A 88 -17.31 7.75 -1.29
C THR A 88 -18.79 7.39 -1.32
N ALA A 89 -19.37 7.25 -2.51
CA ALA A 89 -20.79 6.93 -2.62
C ALA A 89 -21.05 6.30 -3.98
N ILE A 90 -22.13 5.53 -4.07
CA ILE A 90 -22.56 4.90 -5.31
C ILE A 90 -23.83 5.59 -5.77
N ILE A 91 -23.73 6.32 -6.88
CA ILE A 91 -24.90 7.02 -7.40
C ILE A 91 -25.74 6.03 -8.20
N PHE A 92 -26.90 5.67 -7.66
CA PHE A 92 -27.78 4.67 -8.26
C PHE A 92 -29.01 5.39 -8.80
N VAL A 93 -29.05 5.59 -10.10
CA VAL A 93 -30.20 6.21 -10.75
C VAL A 93 -31.15 5.11 -11.18
N VAL A 94 -32.44 5.44 -11.23
CA VAL A 94 -33.47 4.46 -11.56
C VAL A 94 -34.69 5.19 -12.06
N ASP A 95 -35.30 4.65 -13.13
CA ASP A 95 -36.52 5.21 -13.67
C ASP A 95 -37.70 4.87 -12.77
N SER A 96 -38.54 5.86 -12.50
CA SER A 96 -39.71 5.68 -11.64
C SER A 96 -41.02 5.81 -12.40
N SER A 97 -40.97 5.85 -13.74
CA SER A 97 -42.18 5.99 -14.54
C SER A 97 -42.79 4.63 -14.87
N ASP A 98 -41.99 3.72 -15.41
CA ASP A 98 -42.47 2.39 -15.78
C ASP A 98 -42.40 1.47 -14.57
N TYR A 99 -43.55 0.98 -14.12
CA TYR A 99 -43.64 0.15 -12.93
C TYR A 99 -43.39 -1.32 -13.22
N ASN A 100 -43.43 -1.73 -14.49
CA ASN A 100 -43.29 -3.15 -14.83
C ASN A 100 -41.90 -3.68 -14.46
N ARG A 101 -40.86 -2.92 -14.76
CA ARG A 101 -39.49 -3.31 -14.45
C ARG A 101 -38.95 -2.61 -13.21
N LEU A 102 -39.81 -1.93 -12.46
CA LEU A 102 -39.39 -1.26 -11.23
C LEU A 102 -39.07 -2.26 -10.12
N GLN A 103 -39.78 -3.40 -10.13
CA GLN A 103 -39.45 -4.46 -9.17
C GLN A 103 -38.04 -5.00 -9.41
N GLU A 104 -37.65 -5.17 -10.67
CA GLU A 104 -36.28 -5.59 -10.96
C GLU A 104 -35.29 -4.54 -10.48
N ALA A 105 -35.69 -3.26 -10.49
CA ALA A 105 -34.85 -2.23 -9.90
C ALA A 105 -34.70 -2.43 -8.39
N LEU A 106 -35.79 -2.81 -7.71
CA LEU A 106 -35.67 -3.12 -6.29
C LEU A 106 -34.74 -4.29 -6.04
N ASN A 107 -34.83 -5.36 -6.84
CA ASN A 107 -33.90 -6.46 -6.63
C ASN A 107 -32.47 -6.09 -6.96
N ASP A 108 -32.24 -5.25 -7.96
CA ASP A 108 -30.88 -4.77 -8.24
C ASP A 108 -30.34 -3.96 -7.07
N PHE A 109 -31.19 -3.08 -6.49
CA PHE A 109 -30.77 -2.30 -5.33
C PHE A 109 -30.47 -3.21 -4.15
N LYS A 110 -31.30 -4.24 -3.93
CA LYS A 110 -31.06 -5.21 -2.87
C LYS A 110 -29.75 -5.96 -3.07
N SER A 111 -29.44 -6.38 -4.29
CA SER A 111 -28.15 -7.00 -4.58
C SER A 111 -26.99 -6.04 -4.43
N ILE A 112 -27.23 -4.74 -4.59
CA ILE A 112 -26.17 -3.75 -4.40
C ILE A 112 -25.99 -3.43 -2.93
N TRP A 113 -27.09 -3.22 -2.22
CA TRP A 113 -27.02 -2.83 -0.81
C TRP A 113 -26.37 -3.92 0.05
N ASN A 114 -26.82 -5.16 -0.12
CA ASN A 114 -26.31 -6.28 0.68
C ASN A 114 -25.06 -6.90 0.07
N ASN A 115 -24.33 -6.16 -0.75
CA ASN A 115 -23.07 -6.67 -1.27
C ASN A 115 -22.05 -6.82 -0.15
N ARG A 116 -21.26 -7.88 -0.22
CA ARG A 116 -20.27 -8.19 0.80
C ARG A 116 -19.18 -7.13 0.89
N TRP A 117 -18.73 -6.62 -0.25
CA TRP A 117 -17.65 -5.64 -0.28
C TRP A 117 -18.14 -4.20 -0.18
N LEU A 118 -19.43 -3.96 -0.42
CA LEU A 118 -20.02 -2.63 -0.29
C LEU A 118 -20.79 -2.48 1.01
N ARG A 119 -20.31 -3.10 2.08
CA ARG A 119 -20.96 -3.05 3.38
C ARG A 119 -20.67 -1.76 4.14
N THR A 120 -19.88 -0.86 3.54
CA THR A 120 -19.63 0.44 4.16
C THR A 120 -19.75 1.58 3.15
N ILE A 121 -20.34 1.35 1.98
CA ILE A 121 -20.50 2.37 0.96
C ILE A 121 -21.96 2.77 0.91
N SER A 122 -22.21 4.08 0.99
CA SER A 122 -23.56 4.62 1.09
C SER A 122 -24.07 4.98 -0.29
N VAL A 123 -25.22 4.40 -0.66
CA VAL A 123 -25.77 4.61 -1.99
C VAL A 123 -26.54 5.92 -2.02
N ILE A 124 -26.37 6.68 -3.10
CA ILE A 124 -27.13 7.90 -3.34
C ILE A 124 -28.15 7.60 -4.43
N LEU A 125 -29.41 7.46 -4.06
CA LEU A 125 -30.45 7.18 -5.04
C LEU A 125 -30.74 8.41 -5.88
N PHE A 126 -31.30 8.16 -7.07
CA PHE A 126 -31.77 9.23 -7.95
C PHE A 126 -32.97 8.67 -8.72
N LEU A 127 -34.16 8.89 -8.18
CA LEU A 127 -35.39 8.40 -8.81
C LEU A 127 -35.68 9.28 -10.02
N ASN A 128 -35.12 8.90 -11.17
CA ASN A 128 -35.11 9.74 -12.35
C ASN A 128 -36.49 9.77 -13.02
N LYS A 129 -36.68 10.80 -13.86
CA LYS A 129 -37.87 10.96 -14.68
C LYS A 129 -39.14 11.00 -13.82
N GLN A 130 -39.18 11.95 -12.89
CA GLN A 130 -40.35 12.14 -12.06
C GLN A 130 -41.49 12.84 -12.80
N ASP A 131 -41.17 13.65 -13.83
CA ASP A 131 -42.24 14.25 -14.63
C ASP A 131 -43.04 13.19 -15.37
N LEU A 132 -42.37 12.19 -15.94
CA LEU A 132 -43.07 11.09 -16.59
C LEU A 132 -43.95 10.36 -15.59
N LEU A 133 -43.46 10.17 -14.36
CA LEU A 133 -44.28 9.58 -13.31
C LEU A 133 -45.51 10.43 -13.02
N ALA A 134 -45.33 11.76 -13.00
CA ALA A 134 -46.47 12.64 -12.74
C ALA A 134 -47.53 12.50 -13.83
N GLU A 135 -47.12 12.56 -15.09
CA GLU A 135 -48.10 12.42 -16.17
C GLU A 135 -48.66 11.01 -16.27
N LYS A 136 -47.95 9.99 -15.79
CA LYS A 136 -48.49 8.65 -15.74
C LYS A 136 -49.48 8.44 -14.61
N VAL A 137 -49.32 9.14 -13.49
CA VAL A 137 -50.25 9.04 -12.39
C VAL A 137 -51.49 9.91 -12.59
N LEU A 138 -51.35 11.16 -13.00
CA LEU A 138 -52.50 12.02 -13.20
C LEU A 138 -53.36 11.60 -14.38
N ALA A 139 -52.82 10.83 -15.32
CA ALA A 139 -53.63 10.33 -16.42
C ALA A 139 -54.65 9.31 -15.94
N GLY A 140 -54.27 8.44 -15.02
CA GLY A 140 -55.16 7.45 -14.47
C GLY A 140 -55.21 6.14 -15.21
N LYS A 141 -54.68 6.09 -16.44
CA LYS A 141 -54.69 4.86 -17.21
C LYS A 141 -53.68 3.85 -16.68
N SER A 142 -52.50 4.32 -16.30
CA SER A 142 -51.44 3.44 -15.81
C SER A 142 -51.64 3.22 -14.31
N LYS A 143 -52.38 2.16 -13.96
CA LYS A 143 -52.61 1.82 -12.56
C LYS A 143 -51.34 1.23 -11.95
N ILE A 144 -51.10 1.56 -10.68
CA ILE A 144 -49.93 1.06 -9.97
C ILE A 144 -50.29 0.00 -8.92
N GLU A 145 -51.55 -0.07 -8.49
CA GLU A 145 -51.94 -1.05 -7.49
C GLU A 145 -51.80 -2.48 -8.00
N ASP A 146 -51.97 -2.71 -9.30
CA ASP A 146 -51.82 -4.05 -9.84
C ASP A 146 -50.36 -4.51 -9.84
N TYR A 147 -49.41 -3.63 -10.17
CA TYR A 147 -48.01 -4.02 -10.07
C TYR A 147 -47.59 -4.22 -8.62
N PHE A 148 -48.02 -3.35 -7.71
CA PHE A 148 -47.71 -3.46 -6.29
C PHE A 148 -49.00 -3.52 -5.50
N PRO A 149 -49.44 -4.72 -5.08
CA PRO A 149 -50.71 -4.84 -4.36
C PRO A 149 -50.74 -4.13 -3.02
N GLU A 150 -49.59 -3.86 -2.41
CA GLU A 150 -49.53 -3.18 -1.13
C GLU A 150 -49.95 -1.72 -1.22
N PHE A 151 -49.86 -1.12 -2.40
CA PHE A 151 -50.19 0.29 -2.58
C PHE A 151 -51.65 0.59 -2.26
N ALA A 152 -52.53 -0.41 -2.41
CA ALA A 152 -53.95 -0.19 -2.13
C ALA A 152 -54.19 0.16 -0.66
N ARG A 153 -53.47 -0.50 0.25
CA ARG A 153 -53.61 -0.24 1.68
C ARG A 153 -52.70 0.87 2.18
N TYR A 154 -51.95 1.52 1.30
CA TYR A 154 -50.97 2.53 1.68
C TYR A 154 -51.50 3.93 1.38
N THR A 155 -51.35 4.82 2.36
CA THR A 155 -51.70 6.23 2.23
C THR A 155 -50.47 7.07 2.57
N THR A 156 -50.54 8.36 2.26
CA THR A 156 -49.40 9.23 2.45
C THR A 156 -49.04 9.34 3.93
N PRO A 157 -47.75 9.39 4.26
CA PRO A 157 -47.33 9.60 5.65
C PRO A 157 -47.96 10.84 6.24
N GLU A 158 -48.39 10.73 7.49
CA GLU A 158 -48.92 11.88 8.21
C GLU A 158 -47.78 12.82 8.62
N ASP A 159 -48.09 14.12 8.66
CA ASP A 159 -47.12 15.16 9.01
C ASP A 159 -45.97 15.21 8.00
N ALA A 160 -46.23 14.81 6.77
CA ALA A 160 -45.25 14.91 5.70
C ALA A 160 -45.19 16.36 5.19
N THR A 161 -44.18 16.64 4.38
CA THR A 161 -43.94 17.97 3.85
C THR A 161 -43.79 17.94 2.33
N PRO A 162 -44.87 17.73 1.59
CA PRO A 162 -44.79 17.82 0.12
C PRO A 162 -44.65 19.26 -0.33
N GLU A 163 -43.42 19.77 -0.28
CA GLU A 163 -43.17 21.19 -0.58
C GLU A 163 -43.67 21.62 -1.96
N PRO A 164 -43.48 20.87 -3.06
CA PRO A 164 -44.06 21.30 -4.34
C PRO A 164 -45.57 21.47 -4.29
N GLY A 165 -46.26 20.69 -3.47
CA GLY A 165 -47.69 20.82 -3.33
C GLY A 165 -48.47 20.45 -4.57
N GLU A 166 -48.11 19.34 -5.21
CA GLU A 166 -48.80 18.86 -6.40
C GLU A 166 -50.01 18.04 -5.98
N ASP A 167 -50.60 17.30 -6.91
CA ASP A 167 -51.77 16.49 -6.61
C ASP A 167 -51.43 15.43 -5.57
N PRO A 168 -52.34 15.12 -4.65
CA PRO A 168 -52.04 14.09 -3.64
C PRO A 168 -51.75 12.71 -4.22
N ARG A 169 -52.26 12.39 -5.41
CA ARG A 169 -52.04 11.06 -5.97
C ARG A 169 -50.58 10.87 -6.38
N VAL A 170 -50.01 11.82 -7.11
CA VAL A 170 -48.62 11.70 -7.54
C VAL A 170 -47.69 11.75 -6.34
N THR A 171 -48.00 12.60 -5.36
CA THR A 171 -47.21 12.63 -4.12
C THR A 171 -47.27 11.31 -3.38
N ARG A 172 -48.46 10.70 -3.30
CA ARG A 172 -48.59 9.40 -2.64
C ARG A 172 -47.77 8.33 -3.37
N ALA A 173 -47.83 8.32 -4.70
CA ALA A 173 -47.04 7.35 -5.46
C ALA A 173 -45.54 7.58 -5.26
N LYS A 174 -45.11 8.84 -5.28
CA LYS A 174 -43.70 9.16 -5.06
C LYS A 174 -43.24 8.71 -3.69
N TYR A 175 -44.06 8.98 -2.66
CA TYR A 175 -43.71 8.56 -1.31
C TYR A 175 -43.68 7.04 -1.19
N PHE A 176 -44.59 6.34 -1.87
CA PHE A 176 -44.58 4.88 -1.83
C PHE A 176 -43.30 4.32 -2.44
N ILE A 177 -42.94 4.84 -3.63
CA ILE A 177 -41.75 4.32 -4.40
C ILE A 177 -40.46 4.59 -3.64
N ARG A 178 -40.20 5.80 -3.19
CA ARG A 178 -38.98 6.04 -2.39
C ARG A 178 -38.98 5.10 -1.21
N LYS A 179 -40.13 4.93 -0.56
CA LYS A 179 -40.16 4.10 0.66
C LYS A 179 -39.71 2.71 0.29
N GLU A 180 -40.09 2.23 -0.88
CA GLU A 180 -39.72 0.84 -1.18
C GLU A 180 -38.20 0.72 -1.08
N PHE A 181 -37.48 1.68 -1.66
CA PHE A 181 -36.00 1.64 -1.67
C PHE A 181 -35.44 1.99 -0.31
N VAL A 182 -36.01 2.97 0.39
CA VAL A 182 -35.52 3.24 1.77
C VAL A 182 -35.67 1.97 2.61
N ASP A 183 -36.72 1.18 2.39
CA ASP A 183 -36.94 -0.04 3.22
C ASP A 183 -35.77 -1.00 3.05
N ILE A 184 -35.29 -1.19 1.82
CA ILE A 184 -34.13 -2.08 1.56
C ILE A 184 -32.93 -1.48 2.30
N SER A 185 -32.79 -0.16 2.25
CA SER A 185 -31.62 0.49 2.89
C SER A 185 -31.65 0.35 4.41
N THR A 186 -32.82 0.52 5.03
CA THR A 186 -32.88 0.53 6.51
C THR A 186 -32.89 -0.89 7.08
N ALA A 187 -33.30 -1.89 6.29
CA ALA A 187 -33.44 -3.27 6.82
C ALA A 187 -32.10 -3.77 7.36
N SER A 188 -31.02 -3.62 6.60
CA SER A 188 -29.71 -4.17 7.02
C SER A 188 -28.64 -3.08 6.91
N GLY A 189 -28.87 -1.91 7.51
CA GLY A 189 -27.92 -0.80 7.39
C GLY A 189 -26.93 -0.76 8.52
N ASP A 190 -27.43 -0.66 9.76
CA ASP A 190 -26.55 -0.57 10.97
C ASP A 190 -25.82 0.77 10.99
N GLY A 191 -26.27 1.74 10.18
CA GLY A 191 -25.68 3.10 10.22
C GLY A 191 -24.33 3.19 9.55
N ARG A 192 -23.75 2.05 9.14
CA ARG A 192 -22.47 2.13 8.38
C ARG A 192 -22.77 2.83 7.05
N HIS A 193 -23.82 2.41 6.36
CA HIS A 193 -24.21 3.04 5.08
C HIS A 193 -25.67 3.43 5.09
N ILE A 194 -26.02 4.62 4.63
CA ILE A 194 -27.43 4.97 4.49
C ILE A 194 -27.70 5.46 3.08
N CYS A 195 -28.95 5.31 2.65
CA CYS A 195 -29.36 5.76 1.33
C CYS A 195 -29.84 7.21 1.38
N TYR A 196 -29.68 7.90 0.25
CA TYR A 196 -30.05 9.31 0.14
C TYR A 196 -30.95 9.49 -1.07
N PRO A 197 -32.25 9.25 -0.91
CA PRO A 197 -33.17 9.35 -2.06
C PRO A 197 -33.35 10.78 -2.51
N HIS A 198 -33.58 10.94 -3.81
CA HIS A 198 -33.90 12.23 -4.40
C HIS A 198 -34.88 11.99 -5.55
N PHE A 199 -35.44 13.08 -6.08
CA PHE A 199 -36.36 13.01 -7.21
C PHE A 199 -35.92 14.02 -8.26
N THR A 200 -35.59 13.54 -9.45
CA THR A 200 -35.17 14.39 -10.56
C THR A 200 -36.02 14.10 -11.78
N CYS A 201 -36.22 15.12 -12.61
CA CYS A 201 -37.02 15.00 -13.82
C CYS A 201 -36.17 15.07 -15.09
N ALA A 202 -34.88 14.71 -14.98
CA ALA A 202 -33.93 14.76 -16.10
C ALA A 202 -33.75 16.17 -16.65
N VAL A 203 -34.30 17.17 -15.97
CA VAL A 203 -34.12 18.57 -16.35
C VAL A 203 -33.73 19.45 -15.17
N ASP A 204 -33.61 18.89 -13.97
CA ASP A 204 -33.26 19.68 -12.79
C ASP A 204 -31.79 20.04 -12.82
N THR A 205 -31.50 21.35 -12.79
CA THR A 205 -30.13 21.80 -12.81
C THR A 205 -29.45 21.62 -11.46
N GLU A 206 -30.24 21.48 -10.39
CA GLU A 206 -29.69 21.34 -9.04
C GLU A 206 -29.48 19.85 -8.73
N ASN A 207 -28.59 19.24 -9.50
CA ASN A 207 -28.21 17.85 -9.31
C ASN A 207 -26.85 17.69 -8.66
N ALA A 208 -25.87 18.51 -9.06
CA ALA A 208 -24.55 18.44 -8.44
C ALA A 208 -24.59 18.85 -6.97
N ARG A 209 -25.44 19.81 -6.62
CA ARG A 209 -25.52 20.26 -5.24
C ARG A 209 -26.05 19.17 -4.32
N ARG A 210 -27.03 18.39 -4.78
CA ARG A 210 -27.54 17.30 -3.96
C ARG A 210 -26.47 16.26 -3.69
N ILE A 211 -25.72 15.87 -4.74
CA ILE A 211 -24.63 14.93 -4.55
C ILE A 211 -23.57 15.51 -3.63
N PHE A 212 -23.28 16.80 -3.76
CA PHE A 212 -22.27 17.41 -2.90
C PHE A 212 -22.70 17.40 -1.44
N ASN A 213 -23.96 17.74 -1.15
CA ASN A 213 -24.44 17.72 0.22
C ASN A 213 -24.44 16.30 0.79
N ASP A 214 -24.92 15.33 0.00
CA ASP A 214 -24.93 13.96 0.48
C ASP A 214 -23.52 13.45 0.72
N CYS A 215 -22.58 13.77 -0.17
CA CYS A 215 -21.21 13.30 0.01
C CYS A 215 -20.53 14.00 1.18
N LYS A 216 -20.90 15.25 1.46
CA LYS A 216 -20.42 15.91 2.66
C LYS A 216 -20.90 15.19 3.90
N ASP A 217 -22.17 14.80 3.92
CA ASP A 217 -22.69 14.01 5.02
C ASP A 217 -21.95 12.67 5.14
N ILE A 218 -21.67 12.02 4.00
CA ILE A 218 -21.01 10.72 4.01
C ILE A 218 -19.59 10.84 4.57
N ILE A 219 -18.84 11.86 4.15
CA ILE A 219 -17.49 12.02 4.65
C ILE A 219 -17.50 12.47 6.11
N LEU A 220 -18.52 13.21 6.54
CA LEU A 220 -18.65 13.52 7.96
C LEU A 220 -18.84 12.25 8.78
N GLN A 221 -19.71 11.36 8.32
CA GLN A 221 -19.90 10.08 9.01
C GLN A 221 -18.62 9.25 9.01
N MET A 222 -17.90 9.23 7.88
CA MET A 222 -16.67 8.47 7.82
C MET A 222 -15.62 9.03 8.77
N ASN A 223 -15.51 10.35 8.88
CA ASN A 223 -14.59 10.95 9.82
C ASN A 223 -15.00 10.64 11.26
N LEU A 224 -16.30 10.66 11.55
CA LEU A 224 -16.75 10.27 12.88
C LEU A 224 -16.39 8.83 13.21
N ARG A 225 -16.19 7.99 12.22
CA ARG A 225 -15.69 6.62 12.55
C ARG A 225 -14.16 6.67 12.71
N GLU A 226 -13.45 7.41 11.85
CA GLU A 226 -11.96 7.44 11.86
C GLU A 226 -11.42 7.95 13.20
N TYR A 227 -12.05 8.97 13.78
CA TYR A 227 -11.55 9.59 15.03
C TYR A 227 -12.10 8.78 16.21
N ASN A 228 -12.60 7.57 15.95
CA ASN A 228 -13.04 6.67 17.06
C ASN A 228 -14.04 7.39 17.97
N LEU A 229 -15.05 8.03 17.39
CA LEU A 229 -16.09 8.65 18.24
C LEU A 229 -17.35 7.77 18.28
N VAL A 230 -17.49 6.81 17.34
CA VAL A 230 -18.66 5.94 17.31
C VAL A 230 -18.24 4.50 17.09
N SER B 1 -38.82 -32.40 -31.80
CA SER B 1 -37.67 -32.22 -30.93
C SER B 1 -36.37 -32.27 -31.73
N GLU B 2 -35.76 -31.10 -31.92
CA GLU B 2 -34.49 -31.00 -32.64
C GLU B 2 -33.33 -30.62 -31.73
N LEU B 3 -33.46 -29.54 -30.96
CA LEU B 3 -32.41 -29.19 -30.01
C LEU B 3 -32.35 -30.18 -28.86
N ASP B 4 -33.50 -30.73 -28.47
CA ASP B 4 -33.55 -31.63 -27.32
C ASP B 4 -32.75 -32.91 -27.56
N GLN B 5 -32.75 -33.43 -28.79
CA GLN B 5 -32.08 -34.70 -29.04
C GLN B 5 -30.56 -34.57 -28.88
N LEU B 6 -29.96 -33.53 -29.46
CA LEU B 6 -28.47 -33.47 -29.38
C LEU B 6 -28.08 -32.89 -28.02
N ARG B 7 -28.94 -32.06 -27.41
CA ARG B 7 -28.61 -31.60 -26.04
C ARG B 7 -28.64 -32.84 -25.13
N GLN B 8 -29.60 -33.75 -25.35
CA GLN B 8 -29.61 -35.01 -24.57
C GLN B 8 -28.29 -35.72 -24.82
N GLU B 9 -27.97 -35.96 -26.10
CA GLU B 9 -26.68 -36.56 -26.44
C GLU B 9 -25.55 -35.91 -25.65
N ALA B 10 -25.63 -34.59 -25.44
CA ALA B 10 -24.60 -33.88 -24.70
C ALA B 10 -24.55 -34.33 -23.24
N GLU B 11 -25.71 -34.39 -22.58
CA GLU B 11 -25.67 -34.87 -21.20
C GLU B 11 -25.33 -36.35 -21.12
N GLN B 12 -25.66 -37.13 -22.15
CA GLN B 12 -25.21 -38.52 -22.18
C GLN B 12 -23.68 -38.59 -22.25
N LEU B 13 -23.08 -37.74 -23.08
CA LEU B 13 -21.63 -37.70 -23.19
C LEU B 13 -20.98 -37.26 -21.88
N LYS B 14 -21.56 -36.27 -21.22
CA LYS B 14 -21.00 -35.83 -19.94
C LYS B 14 -21.18 -36.88 -18.85
N ASN B 15 -22.29 -37.64 -18.87
CA ASN B 15 -22.40 -38.77 -17.94
C ASN B 15 -21.37 -39.84 -18.26
N GLN B 16 -21.09 -40.06 -19.56
CA GLN B 16 -20.07 -41.03 -19.94
C GLN B 16 -18.69 -40.61 -19.42
N ILE B 17 -18.33 -39.33 -19.58
CA ILE B 17 -17.05 -38.88 -19.05
C ILE B 17 -17.05 -38.89 -17.52
N ARG B 18 -18.20 -38.68 -16.88
CA ARG B 18 -18.26 -38.76 -15.43
C ARG B 18 -17.97 -40.18 -14.94
N ASP B 19 -18.60 -41.18 -15.58
CA ASP B 19 -18.33 -42.55 -15.17
C ASP B 19 -16.94 -43.01 -15.57
N ALA B 20 -16.38 -42.46 -16.65
CA ALA B 20 -14.99 -42.73 -16.98
C ALA B 20 -14.05 -42.16 -15.92
N ARG B 21 -14.32 -40.93 -15.48
CA ARG B 21 -13.48 -40.33 -14.40
C ARG B 21 -13.64 -41.19 -13.15
N LYS B 22 -14.87 -41.57 -12.82
CA LYS B 22 -15.14 -42.38 -11.61
C LYS B 22 -14.43 -43.73 -11.73
N ALA B 23 -14.50 -44.37 -12.91
CA ALA B 23 -13.93 -45.72 -13.07
C ALA B 23 -12.42 -45.70 -12.83
N CYS B 24 -11.74 -44.61 -13.23
CA CYS B 24 -10.26 -44.62 -13.13
C CYS B 24 -9.80 -44.23 -11.72
N ALA B 25 -10.72 -43.89 -10.81
CA ALA B 25 -10.33 -43.44 -9.45
C ALA B 25 -9.96 -44.65 -8.60
N ASP B 26 -8.73 -45.17 -8.76
CA ASP B 26 -8.30 -46.38 -8.01
C ASP B 26 -8.30 -46.10 -6.50
N ALA B 27 -7.75 -44.95 -6.09
CA ALA B 27 -7.65 -44.61 -4.66
C ALA B 27 -7.58 -43.09 -4.51
N THR B 28 -7.89 -42.58 -3.32
CA THR B 28 -7.76 -41.12 -3.07
C THR B 28 -6.35 -40.80 -2.58
N LEU B 29 -5.87 -39.59 -2.87
CA LEU B 29 -4.50 -39.18 -2.47
C LEU B 29 -4.38 -39.22 -0.95
N SER B 30 -5.43 -38.83 -0.23
CA SER B 30 -5.30 -38.73 1.25
C SER B 30 -4.84 -40.09 1.82
N GLN B 31 -5.50 -41.18 1.44
CA GLN B 31 -5.13 -42.51 2.00
C GLN B 31 -3.74 -42.88 1.47
N ILE B 32 -3.47 -42.61 0.19
CA ILE B 32 -2.15 -42.95 -0.42
C ILE B 32 -1.05 -42.22 0.35
N THR B 33 -1.29 -40.96 0.74
CA THR B 33 -0.24 -40.15 1.40
C THR B 33 -0.35 -40.23 2.93
N ASN B 34 -1.22 -41.09 3.45
CA ASN B 34 -1.42 -41.16 4.93
C ASN B 34 -0.13 -41.69 5.57
N ASN B 35 0.74 -42.36 4.81
CA ASN B 35 1.95 -42.99 5.38
C ASN B 35 3.14 -42.03 5.42
N ILE B 36 3.00 -40.82 4.90
CA ILE B 36 4.18 -39.90 4.82
C ILE B 36 4.24 -39.01 6.07
N ASP B 37 5.43 -38.50 6.39
CA ASP B 37 5.61 -37.65 7.59
C ASP B 37 5.02 -36.26 7.36
N PRO B 38 4.39 -35.62 8.36
CA PRO B 38 3.85 -34.27 8.22
C PRO B 38 4.90 -33.17 8.26
N VAL B 39 4.67 -32.09 7.50
CA VAL B 39 5.62 -30.94 7.47
C VAL B 39 5.70 -30.35 8.87
N GLY B 40 4.54 -30.16 9.52
CA GLY B 40 4.51 -29.56 10.86
C GLY B 40 4.44 -28.05 10.82
N ARG B 41 4.48 -27.38 11.96
CA ARG B 41 4.34 -25.91 12.01
C ARG B 41 5.37 -25.26 11.08
N ILE B 42 4.93 -24.33 10.24
CA ILE B 42 5.91 -23.58 9.40
C ILE B 42 5.87 -22.13 9.84
N GLN B 43 6.98 -21.63 10.38
CA GLN B 43 7.02 -20.24 10.88
C GLN B 43 7.68 -19.38 9.81
N MET B 44 6.95 -18.39 9.29
CA MET B 44 7.58 -17.48 8.31
C MET B 44 7.57 -16.07 8.90
N ARG B 45 8.71 -15.39 8.86
CA ARG B 45 8.84 -14.01 9.39
C ARG B 45 8.76 -13.05 8.20
N THR B 46 8.20 -11.87 8.41
CA THR B 46 8.18 -10.86 7.31
C THR B 46 9.55 -10.21 7.21
N ARG B 47 10.41 -10.74 6.36
CA ARG B 47 11.80 -10.20 6.25
C ARG B 47 11.75 -8.76 5.73
N ARG B 48 10.90 -8.48 4.74
CA ARG B 48 10.81 -7.10 4.18
C ARG B 48 9.36 -6.68 4.03
N THR B 49 9.03 -5.42 4.36
CA THR B 49 7.67 -4.90 4.08
C THR B 49 7.84 -3.84 3.00
N LEU B 50 7.26 -4.07 1.83
CA LEU B 50 7.48 -3.13 0.71
C LEU B 50 6.41 -2.01 0.79
N ARG B 51 6.67 -0.99 1.60
CA ARG B 51 5.73 0.15 1.71
C ARG B 51 5.99 1.13 0.57
N GLY B 52 4.97 1.87 0.13
CA GLY B 52 5.16 2.79 -1.01
C GLY B 52 3.88 2.99 -1.82
N HIS B 53 3.06 1.95 -1.97
CA HIS B 53 1.75 2.14 -2.65
C HIS B 53 0.83 2.93 -1.75
N LEU B 54 -0.13 3.64 -2.35
CA LEU B 54 -1.07 4.46 -1.55
C LEU B 54 -2.51 3.95 -1.77
N ALA B 55 -2.65 2.73 -2.28
CA ALA B 55 -4.00 2.16 -2.55
C ALA B 55 -3.92 0.63 -2.54
N LYS B 56 -5.07 -0.04 -2.51
CA LYS B 56 -5.11 -1.52 -2.42
C LYS B 56 -4.33 -2.16 -3.57
N ILE B 57 -3.48 -3.15 -3.26
CA ILE B 57 -2.65 -3.82 -4.31
C ILE B 57 -3.47 -4.99 -4.87
N TYR B 58 -3.59 -5.09 -6.19
CA TYR B 58 -4.44 -6.14 -6.78
C TYR B 58 -3.60 -7.28 -7.40
N ALA B 59 -2.31 -7.05 -7.68
CA ALA B 59 -1.53 -8.16 -8.26
C ALA B 59 -0.03 -7.99 -8.03
N MET B 60 0.72 -9.10 -7.93
CA MET B 60 2.20 -9.01 -7.84
C MET B 60 2.80 -10.16 -8.66
N HIS B 61 3.94 -9.93 -9.32
CA HIS B 61 4.62 -11.02 -10.06
C HIS B 61 6.13 -10.93 -9.85
N TRP B 62 6.75 -12.03 -9.41
CA TRP B 62 8.22 -12.07 -9.22
C TRP B 62 8.94 -12.16 -10.56
N GLY B 63 10.11 -11.53 -10.68
CA GLY B 63 10.91 -11.68 -11.90
C GLY B 63 11.62 -13.02 -11.85
N THR B 64 12.13 -13.50 -12.99
CA THR B 64 12.78 -14.84 -13.04
C THR B 64 13.99 -14.83 -12.11
N ASP B 65 14.63 -13.67 -11.94
CA ASP B 65 15.83 -13.54 -11.09
C ASP B 65 15.49 -13.87 -9.63
N SER B 66 14.22 -13.74 -9.24
CA SER B 66 13.77 -14.01 -7.85
C SER B 66 14.19 -12.86 -6.93
N ARG B 67 14.54 -11.70 -7.50
CA ARG B 67 14.90 -10.54 -6.66
C ARG B 67 13.99 -9.36 -6.99
N LEU B 68 13.67 -9.16 -8.27
CA LEU B 68 12.78 -8.03 -8.66
C LEU B 68 11.35 -8.53 -8.70
N LEU B 69 10.42 -7.73 -8.16
CA LEU B 69 8.99 -8.10 -8.22
C LEU B 69 8.19 -6.88 -8.71
N VAL B 70 7.20 -7.11 -9.59
CA VAL B 70 6.33 -6.01 -10.07
C VAL B 70 5.05 -6.06 -9.23
N SER B 71 4.53 -4.90 -8.83
CA SER B 71 3.28 -4.85 -8.03
C SER B 71 2.33 -3.82 -8.64
N ALA B 72 1.03 -4.11 -8.67
CA ALA B 72 0.06 -3.19 -9.30
C ALA B 72 -1.03 -2.82 -8.30
N SER B 73 -1.24 -1.52 -8.09
CA SER B 73 -2.24 -1.06 -7.10
C SER B 73 -3.17 -0.09 -7.82
N GLN B 74 -4.33 0.18 -7.22
CA GLN B 74 -5.32 1.05 -7.91
C GLN B 74 -4.97 2.53 -7.65
N ASP B 75 -3.72 2.81 -7.28
CA ASP B 75 -3.28 4.23 -7.17
C ASP B 75 -2.80 4.64 -8.57
N GLY B 76 -2.91 3.73 -9.54
CA GLY B 76 -2.48 4.02 -10.92
C GLY B 76 -0.99 3.86 -11.07
N LYS B 77 -0.34 3.17 -10.14
CA LYS B 77 1.14 3.01 -10.17
C LYS B 77 1.53 1.54 -10.19
N LEU B 78 2.46 1.16 -11.07
CA LEU B 78 3.00 -0.21 -11.10
C LEU B 78 4.45 -0.07 -10.64
N ILE B 79 4.85 -0.69 -9.53
CA ILE B 79 6.22 -0.44 -9.00
C ILE B 79 7.05 -1.70 -9.10
N ILE B 80 8.26 -1.61 -9.65
CA ILE B 80 9.18 -2.79 -9.67
C ILE B 80 10.06 -2.63 -8.44
N TRP B 81 10.03 -3.59 -7.52
CA TRP B 81 10.77 -3.45 -6.25
C TRP B 81 12.01 -4.32 -6.25
N ASP B 82 13.00 -3.94 -5.47
CA ASP B 82 14.18 -4.82 -5.28
C ASP B 82 13.89 -5.51 -3.96
N SER B 83 13.49 -6.77 -3.98
CA SER B 83 13.07 -7.44 -2.72
C SER B 83 14.21 -7.44 -1.72
N TYR B 84 15.44 -7.76 -2.16
CA TYR B 84 16.57 -7.89 -1.20
C TYR B 84 16.79 -6.58 -0.44
N THR B 85 16.69 -5.42 -1.11
CA THR B 85 17.00 -4.14 -0.44
C THR B 85 15.76 -3.25 -0.25
N THR B 86 14.55 -3.77 -0.48
CA THR B 86 13.28 -2.99 -0.34
C THR B 86 13.41 -1.64 -1.05
N ASN B 87 14.02 -1.61 -2.23
CA ASN B 87 14.19 -0.36 -3.01
C ASN B 87 13.25 -0.41 -4.23
N LYS B 88 12.83 0.75 -4.75
CA LYS B 88 11.94 0.80 -5.93
C LYS B 88 12.77 1.06 -7.20
N VAL B 89 13.01 0.03 -8.00
CA VAL B 89 13.79 0.18 -9.26
C VAL B 89 13.03 1.12 -10.20
N HIS B 90 11.72 0.91 -10.37
CA HIS B 90 10.89 1.77 -11.27
C HIS B 90 9.50 1.95 -10.68
N ALA B 91 8.80 3.03 -11.04
CA ALA B 91 7.40 3.24 -10.62
C ALA B 91 6.60 3.69 -11.84
N ILE B 92 6.14 2.74 -12.66
CA ILE B 92 5.45 3.10 -13.93
C ILE B 92 4.08 3.69 -13.62
N PRO B 93 3.74 4.90 -14.14
CA PRO B 93 2.41 5.47 -13.94
C PRO B 93 1.45 4.86 -14.97
N LEU B 94 0.44 4.13 -14.50
CA LEU B 94 -0.50 3.44 -15.43
C LEU B 94 -1.51 4.46 -15.99
N ARG B 95 -1.86 4.33 -17.27
CA ARG B 95 -2.80 5.28 -17.92
C ARG B 95 -4.16 5.19 -17.24
N SER B 96 -4.58 3.98 -16.85
CA SER B 96 -5.86 3.79 -16.13
C SER B 96 -5.59 3.32 -14.70
N SER B 97 -6.24 3.94 -13.71
CA SER B 97 -6.04 3.56 -12.29
C SER B 97 -6.52 2.13 -12.04
N TRP B 98 -7.58 1.69 -12.73
CA TRP B 98 -8.15 0.35 -12.42
C TRP B 98 -7.27 -0.74 -13.02
N VAL B 99 -6.37 -1.29 -12.20
CA VAL B 99 -5.47 -2.37 -12.68
C VAL B 99 -5.80 -3.62 -11.87
N MET B 100 -6.03 -4.74 -12.55
CA MET B 100 -6.43 -5.97 -11.83
C MET B 100 -5.37 -7.05 -12.00
N THR B 101 -4.38 -6.83 -12.88
CA THR B 101 -3.34 -7.85 -13.15
C THR B 101 -2.00 -7.21 -13.47
N CYS B 102 -0.89 -7.89 -13.14
CA CYS B 102 0.45 -7.39 -13.50
C CYS B 102 1.32 -8.60 -13.87
N ALA B 103 2.27 -8.44 -14.78
CA ALA B 103 3.11 -9.57 -15.23
C ALA B 103 4.57 -9.12 -15.36
N TYR B 104 5.52 -10.05 -15.24
CA TYR B 104 6.95 -9.72 -15.44
C TYR B 104 7.47 -10.65 -16.54
N ALA B 105 8.08 -10.12 -17.59
CA ALA B 105 8.48 -10.99 -18.72
C ALA B 105 9.49 -12.02 -18.23
N PRO B 106 9.54 -13.23 -18.81
CA PRO B 106 10.48 -14.26 -18.39
C PRO B 106 11.91 -13.68 -18.52
N SER B 107 12.17 -12.89 -19.56
CA SER B 107 13.50 -12.25 -19.74
C SER B 107 13.71 -11.10 -18.75
N GLY B 108 12.62 -10.47 -18.28
CA GLY B 108 12.74 -9.31 -17.37
C GLY B 108 12.75 -8.00 -18.14
N ASN B 109 12.82 -8.06 -19.47
CA ASN B 109 12.85 -6.85 -20.32
C ASN B 109 11.52 -6.10 -20.25
N TYR B 110 10.40 -6.82 -20.08
CA TYR B 110 9.07 -6.15 -20.15
C TYR B 110 8.16 -6.44 -18.97
N VAL B 111 7.18 -5.58 -18.72
CA VAL B 111 6.13 -5.84 -17.68
C VAL B 111 4.80 -5.49 -18.34
N ALA B 112 3.68 -6.00 -17.83
CA ALA B 112 2.36 -5.74 -18.45
C ALA B 112 1.31 -5.52 -17.38
N CYS B 113 0.30 -4.68 -17.67
CA CYS B 113 -0.81 -4.47 -16.70
C CYS B 113 -2.15 -4.47 -17.45
N GLY B 114 -3.22 -4.91 -16.79
CA GLY B 114 -4.55 -4.93 -17.41
C GLY B 114 -5.62 -4.65 -16.37
N GLY B 115 -6.84 -4.36 -16.81
CA GLY B 115 -7.94 -4.09 -15.87
C GLY B 115 -9.23 -3.69 -16.54
N LEU B 116 -10.05 -2.88 -15.86
CA LEU B 116 -11.38 -2.47 -16.40
C LEU B 116 -11.22 -1.67 -17.69
N ASP B 117 -10.01 -1.15 -17.95
CA ASP B 117 -9.77 -0.45 -19.24
C ASP B 117 -9.98 -1.44 -20.39
N ASN B 118 -9.86 -2.76 -20.13
CA ASN B 118 -10.11 -3.82 -21.15
C ASN B 118 -8.91 -3.95 -22.09
N ILE B 119 -7.76 -3.37 -21.72
CA ILE B 119 -6.54 -3.39 -22.60
C ILE B 119 -5.36 -3.94 -21.79
N CYS B 120 -4.51 -4.76 -22.41
CA CYS B 120 -3.27 -5.22 -21.72
C CYS B 120 -2.11 -4.40 -22.27
N SER B 121 -1.47 -3.58 -21.44
CA SER B 121 -0.43 -2.66 -21.96
C SER B 121 0.96 -3.20 -21.61
N ILE B 122 1.83 -3.37 -22.62
CA ILE B 122 3.18 -3.95 -22.39
C ILE B 122 4.16 -2.79 -22.20
N TYR B 123 4.97 -2.80 -21.14
CA TYR B 123 5.93 -1.70 -20.86
C TYR B 123 7.36 -2.19 -21.04
N ASN B 124 8.18 -1.44 -21.78
CA ASN B 124 9.58 -1.86 -22.06
C ASN B 124 10.48 -1.26 -20.99
N LEU B 125 10.94 -2.07 -20.04
CA LEU B 125 11.80 -1.59 -18.93
C LEU B 125 13.18 -1.21 -19.48
N LYS B 126 13.71 -2.01 -20.41
CA LYS B 126 15.09 -1.78 -20.92
C LYS B 126 15.03 -0.84 -22.12
N THR B 127 15.21 0.46 -21.89
CA THR B 127 15.13 1.46 -22.99
C THR B 127 16.37 2.35 -23.00
N ARG B 128 16.83 2.74 -24.19
CA ARG B 128 18.03 3.60 -24.33
C ARG B 128 17.76 4.96 -23.68
N GLU B 129 16.53 5.50 -23.84
CA GLU B 129 16.18 6.82 -23.27
C GLU B 129 16.27 6.76 -21.73
N GLY B 130 16.15 5.58 -21.15
CA GLY B 130 16.34 5.46 -19.68
C GLY B 130 15.04 5.58 -18.92
N ASN B 131 13.91 5.68 -19.63
CA ASN B 131 12.58 5.71 -18.95
C ASN B 131 11.77 4.50 -19.41
N VAL B 132 10.88 3.99 -18.56
CA VAL B 132 10.00 2.85 -18.96
C VAL B 132 8.81 3.42 -19.74
N ARG B 133 8.54 2.89 -20.94
CA ARG B 133 7.43 3.42 -21.78
C ARG B 133 6.54 2.26 -22.21
N VAL B 134 5.28 2.53 -22.57
CA VAL B 134 4.39 1.45 -23.07
C VAL B 134 4.85 1.05 -24.48
N SER B 135 5.25 -0.21 -24.65
CA SER B 135 5.66 -0.68 -25.99
C SER B 135 4.43 -0.94 -26.86
N ARG B 136 3.46 -1.71 -26.35
CA ARG B 136 2.25 -2.06 -27.13
C ARG B 136 1.02 -2.13 -26.23
N GLU B 137 -0.07 -1.45 -26.58
CA GLU B 137 -1.33 -1.63 -25.80
C GLU B 137 -2.16 -2.65 -26.56
N LEU B 138 -2.37 -3.86 -26.01
CA LEU B 138 -3.22 -4.89 -26.67
C LEU B 138 -4.68 -4.59 -26.32
N ALA B 139 -5.48 -4.09 -27.28
CA ALA B 139 -6.85 -3.61 -26.93
C ALA B 139 -8.03 -4.46 -27.42
N GLY B 140 -7.81 -5.65 -27.99
CA GLY B 140 -8.97 -6.40 -28.54
C GLY B 140 -9.69 -7.29 -27.53
N HIS B 141 -10.10 -6.76 -26.37
CA HIS B 141 -10.90 -7.56 -25.42
C HIS B 141 -12.19 -6.81 -25.06
N THR B 142 -13.30 -7.54 -24.92
CA THR B 142 -14.61 -6.91 -24.60
C THR B 142 -14.72 -6.70 -23.09
N GLY B 143 -14.30 -7.71 -22.31
CA GLY B 143 -14.39 -7.61 -20.84
C GLY B 143 -13.10 -7.24 -20.13
N TYR B 144 -13.19 -6.91 -18.85
CA TYR B 144 -12.01 -6.48 -18.06
C TYR B 144 -10.94 -7.56 -18.07
N LEU B 145 -9.66 -7.17 -18.13
CA LEU B 145 -8.56 -8.16 -18.06
C LEU B 145 -8.39 -8.62 -16.61
N SER B 146 -8.45 -9.93 -16.39
CA SER B 146 -8.37 -10.48 -15.02
C SER B 146 -6.94 -10.91 -14.70
N CYS B 147 -6.29 -11.68 -15.60
CA CYS B 147 -4.88 -12.09 -15.41
C CYS B 147 -4.18 -12.11 -16.76
N CYS B 148 -2.95 -11.59 -16.84
CA CYS B 148 -2.15 -11.63 -18.10
C CYS B 148 -0.78 -12.21 -17.81
N ARG B 149 -0.33 -13.20 -18.59
CA ARG B 149 0.97 -13.86 -18.30
C ARG B 149 1.77 -14.04 -19.60
N PHE B 150 3.09 -13.81 -19.57
CA PHE B 150 3.93 -13.85 -20.80
C PHE B 150 4.55 -15.23 -21.03
N LEU B 151 4.42 -15.77 -22.25
CA LEU B 151 5.14 -17.03 -22.56
C LEU B 151 6.55 -16.63 -22.96
N ASP B 152 6.67 -15.67 -23.87
CA ASP B 152 7.99 -15.16 -24.34
C ASP B 152 7.94 -13.64 -24.25
N ASP B 153 8.81 -12.94 -24.98
CA ASP B 153 8.75 -11.45 -25.01
C ASP B 153 7.82 -10.99 -26.14
N ASN B 154 7.41 -11.91 -27.02
CA ASN B 154 6.51 -11.55 -28.15
C ASN B 154 5.13 -12.16 -27.91
N GLN B 155 5.01 -13.18 -27.06
CA GLN B 155 3.70 -13.84 -26.89
C GLN B 155 3.22 -13.73 -25.44
N ILE B 156 1.99 -13.22 -25.25
CA ILE B 156 1.41 -13.11 -23.88
C ILE B 156 -0.01 -13.69 -23.92
N VAL B 157 -0.37 -14.55 -22.96
CA VAL B 157 -1.77 -15.07 -22.87
C VAL B 157 -2.51 -14.22 -21.84
N THR B 158 -3.71 -13.75 -22.18
CA THR B 158 -4.45 -12.84 -21.28
C THR B 158 -5.84 -13.42 -21.00
N SER B 159 -6.32 -13.32 -19.77
CA SER B 159 -7.65 -13.85 -19.40
C SER B 159 -8.58 -12.68 -19.13
N SER B 160 -9.82 -12.73 -19.62
CA SER B 160 -10.71 -11.55 -19.47
C SER B 160 -12.11 -11.93 -18.99
N GLY B 161 -12.91 -10.93 -18.62
CA GLY B 161 -14.27 -11.17 -18.10
C GLY B 161 -15.29 -11.30 -19.21
N ASP B 162 -14.84 -11.42 -20.47
CA ASP B 162 -15.79 -11.67 -21.59
C ASP B 162 -15.90 -13.19 -21.74
N THR B 163 -15.42 -13.96 -20.77
CA THR B 163 -15.47 -15.45 -20.77
C THR B 163 -14.50 -16.03 -21.81
N THR B 164 -13.44 -15.29 -22.17
CA THR B 164 -12.48 -15.78 -23.17
C THR B 164 -11.03 -15.46 -22.78
N CYS B 165 -10.09 -16.32 -23.17
CA CYS B 165 -8.65 -16.05 -22.95
C CYS B 165 -8.02 -15.98 -24.34
N ALA B 166 -6.96 -15.20 -24.52
CA ALA B 166 -6.43 -15.07 -25.89
C ALA B 166 -4.89 -15.05 -25.88
N LEU B 167 -4.27 -15.61 -26.93
CA LEU B 167 -2.79 -15.53 -27.04
C LEU B 167 -2.50 -14.35 -27.96
N TRP B 168 -1.61 -13.44 -27.57
CA TRP B 168 -1.36 -12.21 -28.36
C TRP B 168 0.06 -12.16 -28.88
N ASP B 169 0.25 -11.76 -30.14
CA ASP B 169 1.63 -11.54 -30.62
C ASP B 169 1.90 -10.07 -30.37
N ILE B 170 2.81 -9.76 -29.45
CA ILE B 170 3.04 -8.33 -29.06
C ILE B 170 3.47 -7.53 -30.29
N GLU B 171 4.32 -8.09 -31.16
CA GLU B 171 4.81 -7.24 -32.28
C GLU B 171 3.65 -6.77 -33.15
N THR B 172 2.75 -7.68 -33.55
CA THR B 172 1.60 -7.30 -34.41
C THR B 172 0.51 -6.65 -33.55
N GLY B 173 0.38 -7.09 -32.29
CA GLY B 173 -0.66 -6.55 -31.40
C GLY B 173 -1.99 -7.25 -31.62
N GLN B 174 -2.01 -8.31 -32.44
CA GLN B 174 -3.27 -9.04 -32.74
C GLN B 174 -3.31 -10.35 -31.96
N GLN B 175 -4.51 -10.83 -31.65
CA GLN B 175 -4.64 -12.12 -30.94
C GLN B 175 -4.36 -13.23 -31.94
N THR B 176 -3.23 -13.93 -31.80
CA THR B 176 -3.00 -15.09 -32.71
C THR B 176 -4.09 -16.12 -32.46
N THR B 177 -4.41 -16.40 -31.20
CA THR B 177 -5.42 -17.43 -30.86
C THR B 177 -6.45 -16.87 -29.89
N THR B 178 -7.71 -17.30 -29.99
CA THR B 178 -8.74 -16.88 -28.99
C THR B 178 -9.32 -18.15 -28.39
N PHE B 179 -9.32 -18.26 -27.05
CA PHE B 179 -9.79 -19.50 -26.39
C PHE B 179 -11.20 -19.28 -25.88
N THR B 180 -12.17 -20.03 -26.40
CA THR B 180 -13.60 -19.82 -26.02
C THR B 180 -14.15 -21.13 -25.47
N GLY B 181 -15.13 -21.06 -24.57
CA GLY B 181 -15.66 -22.28 -23.93
C GLY B 181 -16.19 -21.99 -22.54
N HIS B 182 -15.59 -21.04 -21.82
CA HIS B 182 -16.12 -20.65 -20.49
C HIS B 182 -17.43 -19.89 -20.65
N THR B 183 -18.39 -20.12 -19.75
CA THR B 183 -19.68 -19.37 -19.79
C THR B 183 -19.67 -18.28 -18.72
N GLY B 184 -18.54 -18.06 -18.06
CA GLY B 184 -18.46 -17.05 -17.00
C GLY B 184 -17.15 -16.29 -17.06
N ASP B 185 -17.10 -15.12 -16.42
CA ASP B 185 -15.88 -14.28 -16.48
C ASP B 185 -14.67 -15.11 -16.08
N VAL B 186 -13.64 -15.15 -16.92
CA VAL B 186 -12.40 -15.87 -16.52
C VAL B 186 -11.68 -14.96 -15.51
N MET B 187 -11.27 -15.52 -14.37
CA MET B 187 -10.65 -14.67 -13.32
C MET B 187 -9.16 -14.98 -13.18
N SER B 188 -8.71 -16.16 -13.60
CA SER B 188 -7.29 -16.51 -13.37
C SER B 188 -6.73 -17.39 -14.49
N LEU B 189 -5.42 -17.30 -14.73
CA LEU B 189 -4.77 -18.07 -15.82
C LEU B 189 -3.39 -18.50 -15.32
N SER B 190 -3.02 -19.78 -15.46
CA SER B 190 -1.65 -20.22 -15.10
C SER B 190 -1.08 -21.05 -16.26
N LEU B 191 0.16 -20.76 -16.66
CA LEU B 191 0.79 -21.50 -17.79
C LEU B 191 1.57 -22.70 -17.25
N ALA B 192 1.76 -23.71 -18.10
CA ALA B 192 2.56 -24.89 -17.69
C ALA B 192 4.01 -24.45 -17.52
N PRO B 193 4.83 -25.15 -16.72
CA PRO B 193 6.24 -24.82 -16.59
C PRO B 193 6.88 -24.84 -17.98
N ASP B 194 6.50 -25.80 -18.82
CA ASP B 194 7.03 -25.90 -20.22
C ASP B 194 6.38 -24.84 -21.12
N THR B 195 5.37 -24.11 -20.65
CA THR B 195 4.68 -23.05 -21.43
C THR B 195 4.07 -23.65 -22.70
N ARG B 196 3.61 -24.89 -22.63
CA ARG B 196 2.92 -25.53 -23.79
C ARG B 196 1.41 -25.56 -23.54
N LEU B 197 1.00 -25.60 -22.27
CA LEU B 197 -0.44 -25.69 -21.93
C LEU B 197 -0.74 -24.64 -20.87
N PHE B 198 -2.00 -24.19 -20.76
CA PHE B 198 -2.34 -23.27 -19.66
C PHE B 198 -3.70 -23.65 -19.08
N VAL B 199 -3.91 -23.42 -17.79
CA VAL B 199 -5.21 -23.73 -17.14
C VAL B 199 -5.90 -22.40 -16.77
N SER B 200 -7.19 -22.28 -17.10
CA SER B 200 -7.92 -21.02 -16.85
C SER B 200 -9.05 -21.26 -15.86
N GLY B 201 -9.16 -20.42 -14.82
CA GLY B 201 -10.23 -20.55 -13.82
C GLY B 201 -11.31 -19.51 -14.05
N ALA B 202 -12.59 -19.89 -14.00
CA ALA B 202 -13.64 -18.92 -14.37
C ALA B 202 -14.76 -18.86 -13.33
N CYS B 203 -15.62 -17.83 -13.42
CA CYS B 203 -16.75 -17.66 -12.46
C CYS B 203 -17.83 -18.72 -12.69
N ASP B 204 -17.73 -19.49 -13.77
CA ASP B 204 -18.70 -20.60 -14.00
C ASP B 204 -18.24 -21.77 -13.14
N ALA B 205 -17.27 -21.55 -12.24
CA ALA B 205 -16.82 -22.60 -11.29
C ALA B 205 -16.22 -23.80 -12.04
N SER B 206 -15.58 -23.55 -13.18
CA SER B 206 -14.91 -24.65 -13.91
C SER B 206 -13.52 -24.17 -14.35
N ALA B 207 -12.55 -25.08 -14.40
CA ALA B 207 -11.20 -24.71 -14.89
C ALA B 207 -10.92 -25.57 -16.12
N LYS B 208 -10.47 -24.96 -17.21
CA LYS B 208 -10.27 -25.74 -18.46
C LYS B 208 -8.79 -25.76 -18.85
N LEU B 209 -8.29 -26.93 -19.25
CA LEU B 209 -6.89 -27.01 -19.75
C LEU B 209 -6.93 -26.58 -21.22
N TRP B 210 -6.08 -25.63 -21.61
CA TRP B 210 -6.06 -25.14 -23.01
C TRP B 210 -4.65 -25.34 -23.57
N ASP B 211 -4.52 -25.56 -24.87
CA ASP B 211 -3.15 -25.61 -25.45
C ASP B 211 -2.93 -24.37 -26.31
N VAL B 212 -1.82 -23.68 -26.10
CA VAL B 212 -1.58 -22.40 -26.82
C VAL B 212 -1.56 -22.61 -28.33
N ARG B 213 -0.93 -23.68 -28.82
CA ARG B 213 -0.79 -23.89 -30.29
C ARG B 213 -2.08 -24.45 -30.92
N GLU B 214 -2.67 -25.51 -30.36
CA GLU B 214 -3.87 -26.11 -31.01
C GLU B 214 -4.96 -25.03 -31.06
N GLY B 215 -5.09 -24.24 -29.99
CA GLY B 215 -6.04 -23.12 -30.01
C GLY B 215 -7.31 -23.37 -29.22
N MET B 216 -7.50 -24.58 -28.65
CA MET B 216 -8.80 -24.83 -27.96
C MET B 216 -8.66 -25.75 -26.75
N CYS B 217 -9.69 -25.80 -25.89
CA CYS B 217 -9.63 -26.57 -24.62
C CYS B 217 -9.36 -28.05 -24.85
N ARG B 218 -8.51 -28.66 -24.00
CA ARG B 218 -8.28 -30.12 -24.08
C ARG B 218 -9.09 -30.84 -22.99
N GLN B 219 -9.23 -30.23 -21.81
CA GLN B 219 -9.93 -30.89 -20.69
C GLN B 219 -10.69 -29.83 -19.88
N THR B 220 -11.79 -30.21 -19.23
CA THR B 220 -12.53 -29.25 -18.35
C THR B 220 -12.67 -29.85 -16.96
N PHE B 221 -12.35 -29.08 -15.92
CA PHE B 221 -12.36 -29.60 -14.53
C PHE B 221 -13.46 -28.89 -13.73
N THR B 222 -14.33 -29.67 -13.10
CA THR B 222 -15.45 -29.09 -12.31
C THR B 222 -15.35 -29.62 -10.88
N GLY B 223 -16.12 -29.04 -9.96
CA GLY B 223 -16.10 -29.51 -8.57
C GLY B 223 -16.18 -28.36 -7.58
N HIS B 224 -15.95 -27.13 -8.04
CA HIS B 224 -16.12 -25.96 -7.14
C HIS B 224 -17.59 -25.54 -7.10
N GLU B 225 -18.06 -25.12 -5.92
CA GLU B 225 -19.49 -24.73 -5.76
C GLU B 225 -19.60 -23.21 -5.98
N SER B 226 -18.47 -22.54 -6.19
CA SER B 226 -18.48 -21.07 -6.38
C SER B 226 -17.39 -20.66 -7.38
N ASP B 227 -17.40 -19.41 -7.81
CA ASP B 227 -16.44 -18.91 -8.83
C ASP B 227 -14.98 -19.17 -8.44
N ILE B 228 -14.19 -19.72 -9.37
CA ILE B 228 -12.72 -19.91 -9.09
C ILE B 228 -12.09 -18.52 -9.13
N ASN B 229 -11.45 -18.11 -8.03
CA ASN B 229 -10.90 -16.74 -7.94
C ASN B 229 -9.40 -16.76 -8.20
N ALA B 230 -8.78 -17.94 -8.09
CA ALA B 230 -7.31 -18.05 -8.28
C ALA B 230 -6.95 -19.45 -8.77
N ILE B 231 -5.91 -19.56 -9.61
CA ILE B 231 -5.46 -20.89 -10.11
C ILE B 231 -3.93 -20.90 -10.15
N CYS B 232 -3.31 -22.06 -9.91
CA CYS B 232 -1.82 -22.17 -10.01
C CYS B 232 -1.43 -23.58 -10.45
N PHE B 233 -0.42 -23.70 -11.31
CA PHE B 233 0.06 -25.02 -11.79
C PHE B 233 1.04 -25.62 -10.79
N PHE B 234 1.03 -26.95 -10.62
CA PHE B 234 2.01 -27.65 -9.74
C PHE B 234 3.37 -27.59 -10.42
N PRO B 235 4.52 -27.62 -9.70
CA PRO B 235 5.82 -27.50 -10.34
C PRO B 235 6.06 -28.46 -11.51
N ASN B 236 5.62 -29.70 -11.41
CA ASN B 236 5.79 -30.68 -12.51
C ASN B 236 4.98 -30.24 -13.73
N GLY B 237 3.81 -29.63 -13.50
CA GLY B 237 2.93 -29.25 -14.62
C GLY B 237 1.95 -30.34 -14.96
N ASN B 238 1.85 -31.38 -14.12
CA ASN B 238 0.85 -32.46 -14.31
C ASN B 238 -0.33 -32.23 -13.38
N ALA B 239 -0.34 -31.11 -12.64
CA ALA B 239 -1.42 -30.84 -11.67
C ALA B 239 -1.60 -29.35 -11.49
N PHE B 240 -2.75 -28.93 -10.97
CA PHE B 240 -2.96 -27.49 -10.68
C PHE B 240 -3.89 -27.35 -9.47
N ALA B 241 -3.81 -26.23 -8.76
CA ALA B 241 -4.65 -26.01 -7.57
C ALA B 241 -5.53 -24.79 -7.78
N THR B 242 -6.84 -24.89 -7.47
CA THR B 242 -7.77 -23.78 -7.73
C THR B 242 -8.36 -23.24 -6.44
N GLY B 243 -8.37 -21.91 -6.27
CA GLY B 243 -8.99 -21.31 -5.07
C GLY B 243 -10.28 -20.62 -5.44
N SER B 244 -11.36 -20.84 -4.66
CA SER B 244 -12.69 -20.27 -5.00
C SER B 244 -13.25 -19.45 -3.85
N ASP B 245 -14.43 -18.83 -4.05
CA ASP B 245 -15.05 -17.96 -3.01
C ASP B 245 -15.84 -18.80 -2.01
N ASP B 246 -15.86 -20.12 -2.17
CA ASP B 246 -16.52 -20.99 -1.16
C ASP B 246 -15.45 -21.43 -0.15
N ALA B 247 -14.34 -20.67 -0.03
CA ALA B 247 -13.31 -20.96 0.98
C ALA B 247 -12.74 -22.37 0.81
N THR B 248 -12.58 -22.85 -0.42
CA THR B 248 -11.96 -24.19 -0.60
C THR B 248 -10.94 -24.16 -1.73
N CYS B 249 -9.86 -24.94 -1.60
CA CYS B 249 -8.86 -25.06 -2.68
C CYS B 249 -8.84 -26.53 -3.09
N ARG B 250 -8.73 -26.83 -4.38
CA ARG B 250 -8.79 -28.24 -4.82
C ARG B 250 -7.58 -28.55 -5.69
N LEU B 251 -6.99 -29.74 -5.52
CA LEU B 251 -5.86 -30.14 -6.38
C LEU B 251 -6.38 -31.05 -7.49
N PHE B 252 -6.27 -30.62 -8.74
CA PHE B 252 -6.73 -31.45 -9.89
C PHE B 252 -5.54 -32.11 -10.56
N ASP B 253 -5.79 -33.20 -11.29
CA ASP B 253 -4.70 -33.89 -12.02
C ASP B 253 -5.04 -33.92 -13.51
N LEU B 254 -4.09 -33.53 -14.37
CA LEU B 254 -4.35 -33.45 -15.82
C LEU B 254 -4.36 -34.84 -16.46
N ARG B 255 -3.90 -35.87 -15.74
CA ARG B 255 -3.87 -37.26 -16.29
C ARG B 255 -5.05 -38.07 -15.73
N ALA B 256 -5.39 -37.87 -14.46
CA ALA B 256 -6.55 -38.57 -13.85
C ALA B 256 -7.83 -37.83 -14.24
N ASP B 257 -7.70 -36.63 -14.81
CA ASP B 257 -8.85 -35.85 -15.26
C ASP B 257 -9.86 -35.56 -14.17
N GLN B 258 -9.48 -35.67 -12.91
CA GLN B 258 -10.39 -35.44 -11.79
C GLN B 258 -9.61 -34.76 -10.66
N GLU B 259 -10.35 -34.32 -9.64
CA GLU B 259 -9.70 -33.75 -8.47
C GLU B 259 -9.12 -34.86 -7.60
N LEU B 260 -8.17 -34.47 -6.75
CA LEU B 260 -7.51 -35.42 -5.87
C LEU B 260 -7.77 -35.14 -4.40
N MET B 261 -7.54 -33.90 -3.95
CA MET B 261 -7.75 -33.53 -2.57
C MET B 261 -8.38 -32.16 -2.49
N THR B 262 -9.13 -31.92 -1.41
CA THR B 262 -9.75 -30.63 -1.16
C THR B 262 -9.22 -30.03 0.13
N TYR B 263 -8.88 -28.75 0.09
CA TYR B 263 -8.26 -28.05 1.20
C TYR B 263 -9.28 -27.08 1.78
N SER B 264 -9.95 -27.49 2.86
CA SER B 264 -11.00 -26.68 3.46
C SER B 264 -11.02 -26.92 4.96
N HIS B 265 -11.61 -25.97 5.67
CA HIS B 265 -11.73 -26.06 7.12
C HIS B 265 -12.99 -25.31 7.54
N ASP B 266 -13.60 -25.78 8.62
CA ASP B 266 -14.80 -25.14 9.13
C ASP B 266 -14.52 -23.78 9.78
N ASN B 267 -13.27 -23.52 10.17
CA ASN B 267 -12.94 -22.24 10.80
C ASN B 267 -12.87 -21.12 9.77
N ILE B 268 -12.67 -21.46 8.50
CA ILE B 268 -12.52 -20.48 7.42
C ILE B 268 -13.76 -20.51 6.55
N ILE B 269 -14.40 -19.35 6.39
CA ILE B 269 -15.59 -19.22 5.57
C ILE B 269 -15.41 -18.06 4.60
N CYS B 270 -14.16 -17.70 4.34
CA CYS B 270 -13.81 -16.61 3.44
C CYS B 270 -13.13 -17.16 2.20
N GLY B 271 -13.53 -16.65 1.05
CA GLY B 271 -13.05 -17.18 -0.21
C GLY B 271 -11.58 -16.92 -0.45
N ILE B 272 -10.96 -17.78 -1.26
CA ILE B 272 -9.56 -17.64 -1.61
C ILE B 272 -9.40 -16.47 -2.59
N THR B 273 -8.20 -15.92 -2.65
CA THR B 273 -7.89 -14.87 -3.61
C THR B 273 -6.69 -15.18 -4.49
N SER B 274 -5.64 -15.80 -3.95
CA SER B 274 -4.48 -16.15 -4.74
C SER B 274 -3.79 -17.35 -4.11
N VAL B 275 -3.38 -18.29 -4.97
CA VAL B 275 -2.68 -19.49 -4.53
C VAL B 275 -1.39 -19.63 -5.33
N SER B 276 -0.43 -20.34 -4.75
CA SER B 276 0.82 -20.67 -5.42
C SER B 276 1.52 -21.76 -4.65
N PHE B 277 2.10 -22.71 -5.38
CA PHE B 277 2.82 -23.82 -4.79
C PHE B 277 4.22 -23.40 -4.38
N SER B 278 4.89 -24.26 -3.62
CA SER B 278 6.29 -24.07 -3.30
C SER B 278 7.15 -24.63 -4.45
N LYS B 279 8.47 -24.56 -4.30
CA LYS B 279 9.36 -25.04 -5.35
C LYS B 279 9.20 -26.54 -5.57
N SER B 280 9.09 -27.30 -4.50
CA SER B 280 8.96 -28.75 -4.57
C SER B 280 7.51 -29.21 -4.64
N GLY B 281 6.55 -28.30 -4.64
CA GLY B 281 5.16 -28.67 -4.70
C GLY B 281 4.60 -29.26 -3.43
N ARG B 282 5.28 -29.08 -2.30
CA ARG B 282 4.79 -29.59 -1.02
C ARG B 282 3.95 -28.57 -0.28
N LEU B 283 4.26 -27.28 -0.44
CA LEU B 283 3.54 -26.20 0.25
C LEU B 283 2.63 -25.51 -0.75
N LEU B 284 1.32 -25.64 -0.55
CA LEU B 284 0.35 -24.86 -1.32
C LEU B 284 -0.07 -23.68 -0.46
N LEU B 285 0.48 -22.51 -0.75
CA LEU B 285 0.09 -21.30 -0.04
C LEU B 285 -1.16 -20.71 -0.67
N ALA B 286 -2.04 -20.17 0.16
CA ALA B 286 -3.30 -19.61 -0.31
C ALA B 286 -3.61 -18.35 0.47
N GLY B 287 -3.99 -17.27 -0.22
CA GLY B 287 -4.38 -16.03 0.41
C GLY B 287 -5.90 -15.98 0.53
N TYR B 288 -6.36 -15.60 1.72
CA TYR B 288 -7.77 -15.66 2.02
C TYR B 288 -8.36 -14.25 2.11
N ASP B 289 -9.68 -14.17 2.18
CA ASP B 289 -10.39 -12.90 2.31
C ASP B 289 -10.42 -12.40 3.75
N ASP B 290 -10.01 -13.21 4.71
CA ASP B 290 -10.05 -12.85 6.13
C ASP B 290 -8.69 -12.37 6.64
N PHE B 291 -7.96 -11.65 5.79
CA PHE B 291 -6.72 -10.95 6.16
C PHE B 291 -5.58 -11.93 6.43
N ASN B 292 -5.86 -13.22 6.36
CA ASN B 292 -4.86 -14.23 6.69
C ASN B 292 -4.33 -14.85 5.39
N CYS B 293 -3.39 -15.79 5.52
CA CYS B 293 -2.86 -16.49 4.36
C CYS B 293 -2.37 -17.85 4.85
N ASN B 294 -3.18 -18.87 4.65
CA ASN B 294 -2.84 -20.21 5.12
C ASN B 294 -1.74 -20.83 4.27
N VAL B 295 -1.02 -21.77 4.87
CA VAL B 295 0.03 -22.52 4.19
C VAL B 295 -0.39 -23.99 4.25
N TRP B 296 -1.06 -24.45 3.20
CA TRP B 296 -1.59 -25.82 3.18
C TRP B 296 -0.52 -26.78 2.69
N ASP B 297 -0.31 -27.86 3.45
CA ASP B 297 0.51 -28.96 2.99
C ASP B 297 -0.25 -29.66 1.87
N ALA B 298 0.27 -29.58 0.64
CA ALA B 298 -0.46 -30.03 -0.54
C ALA B 298 -0.38 -31.53 -0.74
N LEU B 299 -0.05 -32.30 0.29
CA LEU B 299 -0.01 -33.76 0.19
C LEU B 299 -0.92 -34.46 1.20
N LYS B 300 -1.27 -33.82 2.30
CA LYS B 300 -2.18 -34.40 3.27
C LYS B 300 -3.34 -33.48 3.66
N ALA B 301 -3.45 -32.31 3.04
CA ALA B 301 -4.51 -31.34 3.33
C ALA B 301 -4.51 -30.91 4.79
N ASP B 302 -3.35 -30.90 5.42
CA ASP B 302 -3.23 -30.50 6.81
C ASP B 302 -2.65 -29.09 6.86
N ARG B 303 -3.39 -28.16 7.43
CA ARG B 303 -2.94 -26.79 7.52
C ARG B 303 -1.71 -26.71 8.40
N ALA B 304 -0.60 -26.23 7.84
CA ALA B 304 0.71 -26.28 8.48
C ALA B 304 1.34 -24.90 8.53
N GLY B 305 0.57 -23.91 8.97
CA GLY B 305 1.11 -22.58 9.15
C GLY B 305 0.25 -21.47 8.61
N VAL B 306 0.22 -20.34 9.31
CA VAL B 306 -0.59 -19.18 8.92
C VAL B 306 0.33 -17.97 8.89
N LEU B 307 0.19 -17.15 7.85
CA LEU B 307 0.98 -15.94 7.68
C LEU B 307 0.06 -14.75 7.95
N ALA B 308 -0.07 -14.39 9.22
CA ALA B 308 -0.96 -13.31 9.64
C ALA B 308 -0.13 -12.04 9.81
N GLY B 309 -0.14 -11.20 8.78
CA GLY B 309 0.57 -9.95 8.84
C GLY B 309 -0.16 -8.80 8.17
N HIS B 310 -1.35 -9.07 7.66
CA HIS B 310 -2.13 -8.09 6.94
C HIS B 310 -3.42 -7.77 7.70
N ASP B 311 -3.96 -6.58 7.44
CA ASP B 311 -5.18 -6.12 8.06
C ASP B 311 -6.34 -5.98 7.08
N ASN B 312 -6.11 -6.24 5.80
CA ASN B 312 -7.15 -6.18 4.79
C ASN B 312 -7.05 -7.42 3.92
N ARG B 313 -7.92 -7.49 2.91
CA ARG B 313 -7.98 -8.66 2.05
C ARG B 313 -6.66 -8.90 1.34
N VAL B 314 -6.10 -10.09 1.53
CA VAL B 314 -4.89 -10.50 0.81
C VAL B 314 -5.30 -10.83 -0.62
N SER B 315 -4.76 -10.08 -1.59
CA SER B 315 -5.22 -10.18 -2.96
C SER B 315 -4.25 -10.87 -3.89
N CYS B 316 -2.95 -10.86 -3.60
CA CYS B 316 -1.97 -11.49 -4.48
C CYS B 316 -0.94 -12.22 -3.65
N LEU B 317 -0.35 -13.25 -4.25
CA LEU B 317 0.57 -14.13 -3.55
C LEU B 317 1.43 -14.84 -4.58
N GLY B 318 2.74 -14.85 -4.33
CA GLY B 318 3.66 -15.48 -5.27
C GLY B 318 4.96 -15.94 -4.66
N VAL B 319 5.33 -17.18 -4.95
CA VAL B 319 6.59 -17.76 -4.51
C VAL B 319 7.63 -17.56 -5.61
N THR B 320 8.86 -17.27 -5.21
CA THR B 320 9.93 -17.02 -6.16
C THR B 320 10.27 -18.27 -6.95
N ASP B 321 11.05 -18.11 -8.02
CA ASP B 321 11.43 -19.25 -8.85
C ASP B 321 12.33 -20.23 -8.10
N ASP B 322 13.24 -19.74 -7.27
CA ASP B 322 14.06 -20.61 -6.44
C ASP B 322 13.35 -21.05 -5.17
N GLY B 323 12.14 -20.54 -4.92
CA GLY B 323 11.36 -20.97 -3.79
C GLY B 323 11.87 -20.52 -2.44
N MET B 324 12.73 -19.50 -2.40
CA MET B 324 13.37 -19.07 -1.17
C MET B 324 12.63 -17.95 -0.47
N ALA B 325 11.52 -17.48 -1.04
CA ALA B 325 10.75 -16.40 -0.42
C ALA B 325 9.31 -16.47 -0.89
N VAL B 326 8.42 -15.88 -0.11
CA VAL B 326 7.00 -15.81 -0.42
C VAL B 326 6.56 -14.37 -0.19
N ALA B 327 5.97 -13.75 -1.20
CA ALA B 327 5.56 -12.36 -1.12
C ALA B 327 4.03 -12.29 -1.20
N THR B 328 3.42 -11.69 -0.19
CA THR B 328 1.98 -11.50 -0.15
C THR B 328 1.65 -10.02 -0.27
N GLY B 329 0.59 -9.72 -1.01
CA GLY B 329 0.16 -8.35 -1.17
C GLY B 329 -1.33 -8.20 -0.89
N SER B 330 -1.68 -7.34 0.05
CA SER B 330 -3.05 -7.20 0.50
C SER B 330 -3.57 -5.81 0.16
N TRP B 331 -4.80 -5.54 0.61
CA TRP B 331 -5.50 -4.30 0.29
C TRP B 331 -5.13 -3.14 1.20
N ASP B 332 -4.04 -3.25 1.95
CA ASP B 332 -3.56 -2.16 2.80
C ASP B 332 -2.26 -1.58 2.22
N SER B 333 -2.08 -1.74 0.92
CA SER B 333 -0.95 -1.22 0.14
C SER B 333 0.41 -1.67 0.66
N PHE B 334 0.50 -2.84 1.27
CA PHE B 334 1.77 -3.35 1.80
C PHE B 334 2.05 -4.73 1.23
N LEU B 335 3.23 -4.90 0.65
CA LEU B 335 3.73 -6.22 0.34
C LEU B 335 4.63 -6.72 1.47
N LYS B 336 4.75 -8.03 1.59
CA LYS B 336 5.53 -8.61 2.68
C LYS B 336 6.23 -9.86 2.17
N ILE B 337 7.52 -9.96 2.44
CA ILE B 337 8.35 -11.09 2.02
C ILE B 337 8.51 -12.03 3.19
N TRP B 338 8.22 -13.31 2.96
CA TRP B 338 8.26 -14.32 4.01
C TRP B 338 9.18 -15.45 3.60
N ASN B 339 9.83 -16.07 4.58
CA ASN B 339 10.60 -17.28 4.34
C ASN B 339 10.79 -18.02 5.66
N GLY B 340 11.07 -19.30 5.55
CA GLY B 340 11.21 -20.13 6.74
C GLY B 340 12.48 -19.80 7.49
N SER B 341 12.38 -19.72 8.82
CA SER B 341 13.53 -19.46 9.68
C SER B 341 13.91 -20.73 10.43
N SER B 342 15.19 -21.07 10.39
CA SER B 342 15.68 -22.27 11.04
C SER B 342 16.16 -21.97 12.46
N VAL C 1 19.97 9.06 -28.17
CA VAL C 1 20.86 9.58 -27.14
C VAL C 1 21.96 10.43 -27.74
N GLN C 2 22.17 11.61 -27.17
CA GLN C 2 23.22 12.51 -27.66
C GLN C 2 23.61 13.45 -26.53
N LEU C 3 24.91 13.57 -26.28
CA LEU C 3 25.45 14.44 -25.24
C LEU C 3 26.50 15.34 -25.88
N VAL C 4 26.09 16.55 -26.26
CA VAL C 4 26.99 17.52 -26.87
C VAL C 4 27.45 18.48 -25.78
N GLU C 5 28.68 18.98 -25.94
CA GLU C 5 29.29 19.85 -24.95
C GLU C 5 29.78 21.13 -25.62
N SER C 6 29.78 22.21 -24.84
CA SER C 6 30.22 23.51 -25.34
C SER C 6 31.05 24.19 -24.27
N GLY C 7 31.89 25.12 -24.71
CA GLY C 7 32.77 25.83 -23.79
C GLY C 7 34.06 25.10 -23.55
N GLY C 8 35.16 25.84 -23.40
CA GLY C 8 36.45 25.20 -23.18
C GLY C 8 37.39 25.51 -24.33
N GLY C 9 38.63 25.83 -23.98
CA GLY C 9 39.64 26.17 -24.97
C GLY C 9 40.89 26.76 -24.37
N LEU C 10 41.38 27.85 -24.94
CA LEU C 10 42.58 28.51 -24.44
C LEU C 10 42.20 29.37 -23.24
N VAL C 11 42.67 28.98 -22.05
CA VAL C 11 42.40 29.70 -20.81
C VAL C 11 43.73 30.12 -20.20
N GLN C 12 43.87 31.41 -19.91
CA GLN C 12 45.07 31.88 -19.25
C GLN C 12 45.15 31.33 -17.84
N PRO C 13 46.34 31.02 -17.34
CA PRO C 13 46.45 30.44 -15.99
C PRO C 13 45.89 31.38 -14.93
N GLY C 14 45.27 30.77 -13.92
CA GLY C 14 44.65 31.53 -12.86
C GLY C 14 43.29 32.10 -13.16
N GLY C 15 42.73 31.79 -14.32
CA GLY C 15 41.43 32.28 -14.71
C GLY C 15 40.32 31.31 -14.38
N SER C 16 39.19 31.48 -15.06
CA SER C 16 38.02 30.63 -14.86
C SER C 16 37.34 30.37 -16.20
N ARG C 17 36.65 29.23 -16.28
CA ARG C 17 35.92 28.87 -17.48
C ARG C 17 34.80 27.91 -17.10
N LYS C 18 33.64 28.09 -17.73
CA LYS C 18 32.46 27.27 -17.49
C LYS C 18 32.23 26.36 -18.69
N LEU C 19 31.96 25.09 -18.42
CA LEU C 19 31.72 24.09 -19.46
C LEU C 19 30.28 23.59 -19.36
N SER C 20 29.62 23.50 -20.51
CA SER C 20 28.23 23.10 -20.60
C SER C 20 28.11 21.75 -21.28
N CYS C 21 27.22 20.90 -20.76
CA CYS C 21 26.94 19.59 -21.32
C CYS C 21 25.44 19.52 -21.63
N SER C 22 25.08 19.69 -22.89
CA SER C 22 23.70 19.66 -23.31
C SER C 22 23.28 18.23 -23.65
N ALA C 23 22.30 17.73 -22.92
CA ALA C 23 21.82 16.37 -23.09
C ALA C 23 20.49 16.37 -23.84
N SER C 24 20.42 15.61 -24.91
CA SER C 24 19.21 15.52 -25.73
C SER C 24 19.03 14.09 -26.20
N GLY C 25 17.82 13.56 -26.04
CA GLY C 25 17.52 12.20 -26.46
C GLY C 25 17.20 11.23 -25.34
N PHE C 26 17.21 11.65 -24.07
CA PHE C 26 16.91 10.75 -22.98
C PHE C 26 16.40 11.56 -21.80
N ALA C 27 15.96 10.84 -20.76
CA ALA C 27 15.45 11.47 -19.55
C ALA C 27 16.60 11.97 -18.68
N PHE C 28 17.06 13.19 -18.96
CA PHE C 28 18.23 13.72 -18.26
C PHE C 28 17.98 13.91 -16.77
N SER C 29 16.73 14.11 -16.37
CA SER C 29 16.40 14.37 -14.98
C SER C 29 16.54 13.14 -14.08
N SER C 30 16.75 11.96 -14.66
CA SER C 30 16.85 10.72 -13.88
C SER C 30 18.18 10.01 -14.08
N PHE C 31 19.20 10.73 -14.53
CA PHE C 31 20.51 10.15 -14.78
C PHE C 31 21.56 10.85 -13.93
N GLY C 32 22.27 10.07 -13.12
CA GLY C 32 23.45 10.62 -12.46
C GLY C 32 24.52 10.94 -13.48
N MET C 33 25.13 12.11 -13.33
CA MET C 33 26.05 12.64 -14.34
C MET C 33 27.43 12.80 -13.74
N HIS C 34 28.44 12.31 -14.46
CA HIS C 34 29.83 12.42 -14.05
C HIS C 34 30.59 13.27 -15.05
N TRP C 35 31.71 13.84 -14.60
CA TRP C 35 32.64 14.52 -15.48
C TRP C 35 33.97 13.78 -15.40
N VAL C 36 34.50 13.38 -16.55
CA VAL C 36 35.79 12.69 -16.61
C VAL C 36 36.68 13.43 -17.58
N ARG C 37 37.97 13.50 -17.25
CA ARG C 37 38.94 14.20 -18.07
C ARG C 37 40.10 13.27 -18.39
N GLN C 38 40.77 13.55 -19.50
CA GLN C 38 41.90 12.75 -19.97
C GLN C 38 43.01 13.68 -20.41
N ALA C 39 44.11 13.66 -19.68
CA ALA C 39 45.25 14.49 -20.04
C ALA C 39 45.83 14.05 -21.38
N PRO C 40 46.36 15.00 -22.17
CA PRO C 40 46.91 14.64 -23.47
C PRO C 40 48.03 13.61 -23.33
N GLU C 41 48.01 12.61 -24.22
CA GLU C 41 48.97 11.51 -24.20
C GLU C 41 49.00 10.80 -22.84
N LYS C 42 47.84 10.69 -22.19
CA LYS C 42 47.75 10.07 -20.88
C LYS C 42 46.36 9.45 -20.73
N GLY C 43 46.18 8.73 -19.63
CA GLY C 43 44.93 8.04 -19.37
C GLY C 43 43.88 8.96 -18.76
N LEU C 44 42.68 8.40 -18.62
CA LEU C 44 41.56 9.15 -18.07
C LEU C 44 41.72 9.37 -16.58
N GLU C 45 40.92 10.30 -16.04
CA GLU C 45 40.91 10.58 -14.62
C GLU C 45 39.58 11.22 -14.24
N TRP C 46 38.96 10.71 -13.19
CA TRP C 46 37.67 11.21 -12.74
C TRP C 46 37.79 12.63 -12.21
N VAL C 47 36.71 13.41 -12.36
CA VAL C 47 36.72 14.80 -11.97
C VAL C 47 35.64 15.08 -10.93
N ALA C 48 34.38 14.86 -11.28
CA ALA C 48 33.28 15.19 -10.38
C ALA C 48 32.07 14.35 -10.76
N TYR C 49 31.09 14.32 -9.85
CA TYR C 49 29.87 13.58 -10.06
C TYR C 49 28.73 14.25 -9.30
N ILE C 50 27.57 14.37 -9.95
CA ILE C 50 26.38 14.94 -9.35
C ILE C 50 25.24 13.94 -9.55
N SER C 51 24.54 13.62 -8.46
CA SER C 51 23.49 12.63 -8.50
C SER C 51 22.25 13.21 -9.20
N SER C 52 21.19 12.41 -9.31
CA SER C 52 19.94 12.89 -9.87
C SER C 52 19.33 13.90 -8.93
N GLY C 53 18.85 15.02 -9.46
CA GLY C 53 18.27 16.04 -8.62
C GLY C 53 19.25 16.76 -7.73
N SER C 54 20.56 16.64 -8.01
CA SER C 54 21.60 17.33 -7.26
C SER C 54 21.59 16.95 -5.78
N GLY C 55 21.06 15.77 -5.46
CA GLY C 55 21.01 15.33 -4.07
C GLY C 55 22.36 15.06 -3.46
N THR C 56 23.26 14.42 -4.21
CA THR C 56 24.58 14.06 -3.72
C THR C 56 25.62 14.52 -4.72
N ILE C 57 26.68 15.16 -4.23
CA ILE C 57 27.73 15.70 -5.06
C ILE C 57 29.09 15.26 -4.51
N TYR C 58 29.97 14.82 -5.39
CA TYR C 58 31.31 14.40 -5.03
C TYR C 58 32.32 15.09 -5.94
N TYR C 59 33.55 15.25 -5.44
CA TYR C 59 34.63 15.80 -6.22
C TYR C 59 35.90 14.98 -5.98
N ALA C 60 36.79 15.01 -6.96
CA ALA C 60 38.12 14.43 -6.79
C ALA C 60 38.97 15.36 -5.94
N ASP C 61 39.77 14.76 -5.04
CA ASP C 61 40.56 15.56 -4.11
C ASP C 61 41.57 16.47 -4.82
N THR C 62 41.97 16.14 -6.04
CA THR C 62 42.86 17.02 -6.78
C THR C 62 42.18 18.34 -7.11
N VAL C 63 40.91 18.29 -7.48
CA VAL C 63 40.16 19.47 -7.92
C VAL C 63 39.07 19.84 -6.92
N LYS C 64 39.03 19.18 -5.77
CA LYS C 64 37.99 19.45 -4.78
C LYS C 64 38.07 20.90 -4.29
N GLY C 65 36.93 21.58 -4.24
CA GLY C 65 36.87 22.96 -3.85
C GLY C 65 37.09 23.94 -4.98
N ARG C 66 38.03 23.65 -5.88
CA ARG C 66 38.28 24.54 -7.01
C ARG C 66 37.19 24.45 -8.06
N PHE C 67 36.61 23.27 -8.26
CA PHE C 67 35.59 23.05 -9.27
C PHE C 67 34.20 23.04 -8.62
N THR C 68 33.20 23.42 -9.40
CA THR C 68 31.81 23.30 -8.98
C THR C 68 31.01 22.69 -10.12
N ILE C 69 29.97 21.94 -9.76
CA ILE C 69 29.16 21.20 -10.71
C ILE C 69 27.69 21.41 -10.37
N SER C 70 26.87 21.61 -11.41
CA SER C 70 25.45 21.84 -11.22
C SER C 70 24.71 21.44 -12.49
N ARG C 71 23.48 20.99 -12.34
CA ARG C 71 22.64 20.59 -13.46
C ARG C 71 21.39 21.46 -13.53
N ASP C 72 20.93 21.68 -14.75
CA ASP C 72 19.68 22.40 -15.02
C ASP C 72 18.79 21.44 -15.80
N ASP C 73 18.05 20.61 -15.08
CA ASP C 73 17.16 19.63 -15.71
C ASP C 73 15.97 20.19 -16.49
N PRO C 74 15.43 21.39 -16.20
CA PRO C 74 14.41 21.93 -17.11
C PRO C 74 14.90 22.14 -18.52
N LYS C 75 16.17 22.51 -18.71
CA LYS C 75 16.74 22.69 -20.05
C LYS C 75 17.66 21.54 -20.44
N ASN C 76 17.77 20.50 -19.60
CA ASN C 76 18.60 19.33 -19.88
C ASN C 76 20.04 19.73 -20.19
N THR C 77 20.66 20.46 -19.26
CA THR C 77 22.08 20.86 -19.43
C THR C 77 22.84 20.66 -18.12
N LEU C 78 24.02 20.02 -18.19
CA LEU C 78 24.88 19.83 -16.99
C LEU C 78 26.02 20.83 -17.07
N PHE C 79 26.42 21.41 -15.94
CA PHE C 79 27.44 22.49 -15.99
C PHE C 79 28.63 22.20 -15.09
N LEU C 80 29.81 22.71 -15.47
CA LEU C 80 30.99 22.57 -14.64
C LEU C 80 31.78 23.87 -14.73
N GLN C 81 31.78 24.65 -13.65
CA GLN C 81 32.50 25.91 -13.59
C GLN C 81 33.78 25.68 -12.77
N MET C 82 34.93 25.96 -13.38
CA MET C 82 36.22 25.80 -12.72
C MET C 82 36.79 27.17 -12.38
N THR C 83 37.40 27.26 -11.20
CA THR C 83 38.00 28.50 -10.71
C THR C 83 39.49 28.29 -10.47
N SER C 84 40.29 29.28 -10.84
CA SER C 84 41.74 29.27 -10.65
C SER C 84 42.38 28.06 -11.33
N LEU C 85 42.23 28.04 -12.66
CA LEU C 85 42.76 26.94 -13.46
C LEU C 85 44.28 26.96 -13.44
N ARG C 86 44.88 25.86 -12.98
CA ARG C 86 46.33 25.73 -12.99
C ARG C 86 46.78 25.13 -14.32
N SER C 87 48.05 24.76 -14.39
CA SER C 87 48.62 24.15 -15.60
C SER C 87 48.41 22.65 -15.65
N GLU C 88 47.86 22.04 -14.60
CA GLU C 88 47.64 20.60 -14.58
C GLU C 88 46.23 20.20 -15.01
N ASP C 89 45.31 21.17 -15.07
CA ASP C 89 43.92 20.90 -15.43
C ASP C 89 43.67 20.96 -16.93
N THR C 90 44.72 20.91 -17.74
CA THR C 90 44.56 20.92 -19.19
C THR C 90 44.29 19.49 -19.67
N ALA C 91 43.06 19.24 -20.10
CA ALA C 91 42.66 17.91 -20.54
C ALA C 91 41.35 17.99 -21.28
N MET C 92 41.04 16.93 -22.02
CA MET C 92 39.73 16.79 -22.65
C MET C 92 38.71 16.29 -21.64
N TYR C 93 37.64 17.05 -21.47
CA TYR C 93 36.65 16.77 -20.43
C TYR C 93 35.44 16.07 -21.06
N TYR C 94 35.07 14.93 -20.50
CA TYR C 94 33.95 14.14 -20.99
C TYR C 94 32.79 14.18 -20.00
N CYS C 95 31.58 14.23 -20.56
CA CYS C 95 30.34 14.30 -19.79
C CYS C 95 29.60 13.00 -20.04
N VAL C 96 29.54 12.14 -19.03
CA VAL C 96 29.08 10.77 -19.20
C VAL C 96 27.74 10.58 -18.50
N ARG C 97 26.98 9.60 -18.97
CA ARG C 97 25.77 9.19 -18.29
C ARG C 97 26.09 8.22 -17.17
N SER C 98 25.12 8.02 -16.28
CA SER C 98 25.17 6.98 -15.27
C SER C 98 23.84 6.88 -14.56
N ILE C 99 23.27 5.68 -14.49
CA ILE C 99 22.03 5.44 -13.78
C ILE C 99 22.20 4.22 -12.89
N TYR C 100 21.75 4.31 -11.65
CA TYR C 100 22.04 3.31 -10.63
C TYR C 100 20.73 2.72 -10.09
N TYR C 101 20.33 1.59 -10.64
CA TYR C 101 19.36 0.70 -10.03
C TYR C 101 19.88 -0.73 -10.20
N TYR C 102 19.15 -1.70 -9.66
CA TYR C 102 19.60 -3.08 -9.78
C TYR C 102 19.55 -3.52 -11.24
N GLY C 103 20.68 -3.99 -11.75
CA GLY C 103 20.79 -4.39 -13.13
C GLY C 103 21.11 -3.27 -14.10
N SER C 104 21.21 -2.03 -13.62
CA SER C 104 21.54 -0.92 -14.50
C SER C 104 23.01 -0.97 -14.89
N SER C 105 23.34 -0.30 -15.98
CA SER C 105 24.71 -0.23 -16.48
C SER C 105 25.20 1.21 -16.44
N PRO C 106 25.91 1.61 -15.38
CA PRO C 106 26.43 2.97 -15.31
C PRO C 106 27.48 3.23 -16.38
N PHE C 107 27.67 4.51 -16.70
CA PHE C 107 28.60 4.96 -17.73
C PHE C 107 28.24 4.38 -19.09
N ASP C 108 26.96 4.54 -19.47
CA ASP C 108 26.48 4.04 -20.75
C ASP C 108 27.02 4.87 -21.91
N PHE C 109 26.68 6.15 -21.95
CA PHE C 109 26.99 7.02 -23.07
C PHE C 109 27.93 8.12 -22.61
N TRP C 110 29.07 8.24 -23.28
CA TRP C 110 30.02 9.31 -22.99
C TRP C 110 29.81 10.47 -23.95
N GLY C 111 30.18 11.66 -23.50
CA GLY C 111 30.03 12.87 -24.29
C GLY C 111 31.09 12.99 -25.36
N GLN C 112 30.95 14.04 -26.18
CA GLN C 112 31.91 14.28 -27.25
C GLN C 112 33.26 14.69 -26.71
N GLY C 113 33.28 15.64 -25.78
CA GLY C 113 34.53 16.09 -25.19
C GLY C 113 34.93 17.47 -25.68
N THR C 114 35.52 18.24 -24.78
CA THR C 114 36.02 19.58 -25.10
C THR C 114 37.45 19.71 -24.61
N THR C 115 38.32 20.24 -25.45
CA THR C 115 39.73 20.38 -25.12
C THR C 115 39.96 21.59 -24.22
N LEU C 116 40.78 21.42 -23.20
CA LEU C 116 41.01 22.54 -22.28
C LEU C 116 42.47 22.78 -22.35
N THR C 117 42.85 24.01 -22.63
CA THR C 117 44.26 24.32 -22.83
C THR C 117 44.68 25.45 -21.92
N VAL C 118 44.90 25.15 -20.66
CA VAL C 118 45.42 26.17 -19.76
C VAL C 118 46.87 26.35 -20.15
N SER C 119 47.25 27.57 -20.50
CA SER C 119 48.61 27.84 -20.99
C SER C 119 49.72 27.94 -19.94
N ALA C 120 50.69 28.82 -20.16
CA ALA C 120 51.84 29.00 -19.24
C ALA C 120 51.57 28.65 -17.77
N ALA C 136 45.47 5.38 1.17
CA ALA C 136 44.79 6.51 0.55
C ALA C 136 43.61 6.04 -0.29
N ASP C 137 43.69 6.24 -1.60
CA ASP C 137 42.65 5.84 -2.54
C ASP C 137 42.99 4.50 -3.17
N ILE C 138 42.01 3.94 -3.86
CA ILE C 138 42.21 2.68 -4.58
C ILE C 138 42.93 2.97 -5.89
N VAL C 139 44.03 2.29 -6.13
CA VAL C 139 44.82 2.49 -7.34
C VAL C 139 44.76 1.23 -8.19
N MET C 140 44.60 1.42 -9.49
CA MET C 140 44.54 0.34 -10.46
C MET C 140 45.77 0.40 -11.34
N THR C 141 46.43 -0.75 -11.52
CA THR C 141 47.70 -0.82 -12.25
C THR C 141 47.53 -1.74 -13.44
N GLN C 142 47.92 -1.26 -14.62
CA GLN C 142 47.96 -2.07 -15.82
C GLN C 142 49.08 -1.56 -16.72
N ALA C 143 49.91 -2.48 -17.22
CA ALA C 143 50.99 -2.11 -18.11
C ALA C 143 50.44 -1.63 -19.44
N THR C 144 51.22 -0.77 -20.12
CA THR C 144 50.80 -0.25 -21.41
C THR C 144 50.59 -1.39 -22.41
N SER C 145 51.59 -2.26 -22.54
CA SER C 145 51.47 -3.52 -23.30
C SER C 145 50.95 -3.26 -24.71
N SER C 146 51.76 -2.52 -25.48
CA SER C 146 51.42 -2.28 -26.88
C SER C 146 51.66 -3.55 -27.69
N VAL C 147 50.69 -4.46 -27.68
CA VAL C 147 50.82 -5.76 -28.33
C VAL C 147 50.59 -5.60 -29.84
N PRO C 148 51.55 -5.99 -30.68
CA PRO C 148 51.34 -5.97 -32.14
C PRO C 148 50.39 -7.09 -32.57
N VAL C 149 49.10 -6.89 -32.30
CA VAL C 149 48.10 -7.91 -32.54
C VAL C 149 47.75 -7.93 -34.03
N THR C 150 47.12 -9.03 -34.46
CA THR C 150 46.66 -9.22 -35.81
C THR C 150 45.21 -9.66 -35.81
N PRO C 151 44.45 -9.33 -36.85
CA PRO C 151 43.04 -9.77 -36.90
C PRO C 151 42.93 -11.28 -36.91
N GLY C 152 42.30 -11.81 -35.85
CA GLY C 152 42.18 -13.24 -35.68
C GLY C 152 43.00 -13.77 -34.52
N GLU C 153 43.32 -12.89 -33.58
CA GLU C 153 44.11 -13.25 -32.41
C GLU C 153 43.28 -13.08 -31.15
N SER C 154 43.42 -14.03 -30.23
CA SER C 154 42.76 -13.96 -28.93
C SER C 154 43.71 -13.29 -27.95
N VAL C 155 43.30 -12.15 -27.40
CA VAL C 155 44.14 -11.33 -26.54
C VAL C 155 43.46 -11.19 -25.18
N SER C 156 44.27 -11.26 -24.12
CA SER C 156 43.80 -11.06 -22.76
C SER C 156 44.45 -9.80 -22.19
N ILE C 157 43.62 -8.88 -21.71
CA ILE C 157 44.08 -7.61 -21.17
C ILE C 157 43.80 -7.61 -19.67
N SER C 158 44.86 -7.49 -18.88
CA SER C 158 44.76 -7.62 -17.43
C SER C 158 45.12 -6.32 -16.73
N CYS C 159 44.34 -5.98 -15.71
CA CYS C 159 44.66 -4.87 -14.83
C CYS C 159 44.45 -5.33 -13.39
N ARG C 160 45.24 -4.75 -12.49
CA ARG C 160 45.26 -5.17 -11.09
C ARG C 160 44.81 -4.03 -10.20
N SER C 161 44.15 -4.37 -9.10
CA SER C 161 43.67 -3.40 -8.13
C SER C 161 44.39 -3.57 -6.79
N SER C 162 44.54 -2.46 -6.09
CA SER C 162 45.18 -2.47 -4.78
C SER C 162 44.29 -3.06 -3.70
N LYS C 163 42.98 -3.09 -3.91
CA LYS C 163 42.03 -3.64 -2.96
C LYS C 163 41.12 -4.64 -3.67
N SER C 164 40.43 -5.45 -2.87
CA SER C 164 39.50 -6.44 -3.40
C SER C 164 38.27 -5.72 -3.91
N LEU C 165 38.01 -5.81 -5.22
CA LEU C 165 36.87 -5.11 -5.81
C LEU C 165 35.55 -5.77 -5.46
N LEU C 166 35.57 -7.05 -5.09
CA LEU C 166 34.35 -7.79 -4.82
C LEU C 166 33.72 -7.34 -3.50
N HIS C 167 32.54 -6.75 -3.58
CA HIS C 167 31.82 -6.31 -2.40
C HIS C 167 31.08 -7.50 -1.78
N SER C 168 30.56 -7.30 -0.57
CA SER C 168 29.90 -8.38 0.15
C SER C 168 28.60 -8.80 -0.52
N ASN C 169 27.91 -7.87 -1.17
CA ASN C 169 26.63 -8.20 -1.80
C ASN C 169 26.81 -9.12 -3.01
N GLY C 170 28.03 -9.20 -3.54
CA GLY C 170 28.30 -10.11 -4.64
C GLY C 170 28.85 -9.43 -5.88
N ASN C 171 28.57 -8.13 -6.01
CA ASN C 171 29.05 -7.39 -7.17
C ASN C 171 30.56 -7.21 -7.11
N THR C 172 31.16 -7.07 -8.29
CA THR C 172 32.58 -6.74 -8.41
C THR C 172 32.67 -5.49 -9.27
N TYR C 173 32.69 -4.32 -8.63
CA TYR C 173 32.54 -3.04 -9.32
C TYR C 173 33.79 -2.71 -10.14
N LEU C 174 33.98 -3.45 -11.22
CA LEU C 174 35.02 -3.18 -12.19
C LEU C 174 34.37 -2.92 -13.55
N TYR C 175 34.79 -1.82 -14.18
CA TYR C 175 34.25 -1.42 -15.48
C TYR C 175 35.38 -1.38 -16.50
N TRP C 176 35.08 -1.86 -17.71
CA TRP C 176 36.05 -1.89 -18.79
C TRP C 176 35.59 -0.97 -19.90
N PHE C 177 36.48 -0.06 -20.32
CA PHE C 177 36.16 0.93 -21.33
C PHE C 177 37.11 0.79 -22.51
N LEU C 178 36.58 1.10 -23.70
CA LEU C 178 37.35 1.08 -24.94
C LEU C 178 37.24 2.44 -25.61
N GLN C 179 38.38 2.99 -26.02
CA GLN C 179 38.46 4.29 -26.69
C GLN C 179 39.15 4.11 -28.03
N ARG C 180 38.38 4.24 -29.11
CA ARG C 180 38.97 4.24 -30.44
C ARG C 180 39.81 5.50 -30.64
N PRO C 181 40.83 5.44 -31.49
CA PRO C 181 41.64 6.64 -31.73
C PRO C 181 40.80 7.73 -32.38
N GLY C 182 40.77 8.89 -31.73
CA GLY C 182 39.97 10.00 -32.20
C GLY C 182 38.50 9.95 -31.85
N GLN C 183 38.10 9.04 -30.96
CA GLN C 183 36.70 8.90 -30.59
C GLN C 183 36.60 8.83 -29.07
N SER C 184 35.37 9.03 -28.56
CA SER C 184 35.05 9.00 -27.14
C SER C 184 35.00 7.58 -26.61
N PRO C 185 35.29 7.38 -25.33
CA PRO C 185 35.24 6.04 -24.75
C PRO C 185 33.80 5.51 -24.69
N GLN C 186 33.70 4.19 -24.64
CA GLN C 186 32.42 3.52 -24.50
C GLN C 186 32.57 2.41 -23.46
N LEU C 187 31.42 1.92 -22.99
CA LEU C 187 31.39 0.86 -21.98
C LEU C 187 31.43 -0.49 -22.66
N LEU C 188 32.40 -1.33 -22.28
CA LEU C 188 32.48 -2.70 -22.78
C LEU C 188 31.81 -3.67 -21.81
N ILE C 189 32.34 -3.75 -20.59
CA ILE C 189 31.87 -4.69 -19.58
C ILE C 189 31.71 -3.92 -18.27
N TYR C 190 30.56 -4.07 -17.62
CA TYR C 190 30.32 -3.45 -16.33
C TYR C 190 30.13 -4.52 -15.26
N ARG C 191 30.76 -4.30 -14.10
CA ARG C 191 30.76 -5.25 -12.99
C ARG C 191 31.45 -6.56 -13.37
N MET C 192 32.45 -6.45 -14.23
CA MET C 192 33.47 -7.48 -14.48
C MET C 192 32.93 -8.67 -15.27
N SER C 193 31.61 -8.78 -15.42
CA SER C 193 31.05 -9.92 -16.14
C SER C 193 29.89 -9.58 -17.06
N ASN C 194 29.27 -8.41 -16.93
CA ASN C 194 28.08 -8.09 -17.69
C ASN C 194 28.43 -7.28 -18.93
N LEU C 195 28.10 -7.82 -20.09
CA LEU C 195 28.39 -7.13 -21.34
C LEU C 195 27.44 -5.97 -21.55
N ALA C 196 27.98 -4.86 -22.06
CA ALA C 196 27.17 -3.69 -22.33
C ALA C 196 26.33 -3.91 -23.59
N SER C 197 25.19 -3.22 -23.64
CA SER C 197 24.26 -3.36 -24.75
C SER C 197 24.74 -2.52 -25.93
N GLY C 198 25.21 -3.20 -26.98
CA GLY C 198 25.65 -2.51 -28.17
C GLY C 198 26.97 -3.01 -28.69
N VAL C 199 27.78 -3.60 -27.82
CA VAL C 199 29.09 -4.11 -28.20
C VAL C 199 28.96 -5.55 -28.68
N PRO C 200 29.85 -6.04 -29.53
CA PRO C 200 29.76 -7.43 -29.98
C PRO C 200 30.00 -8.42 -28.85
N ASP C 201 29.50 -9.63 -29.05
CA ASP C 201 29.56 -10.66 -28.03
C ASP C 201 30.98 -11.18 -27.80
N ARG C 202 31.92 -10.87 -28.68
CA ARG C 202 33.26 -11.43 -28.60
C ARG C 202 34.01 -10.98 -27.35
N PHE C 203 33.60 -9.90 -26.69
CA PHE C 203 34.24 -9.45 -25.47
C PHE C 203 33.76 -10.26 -24.28
N SER C 204 34.68 -10.57 -23.38
CA SER C 204 34.35 -11.29 -22.16
C SER C 204 35.32 -10.84 -21.06
N GLY C 205 34.89 -11.03 -19.82
CA GLY C 205 35.70 -10.63 -18.69
C GLY C 205 35.46 -11.53 -17.49
N SER C 206 36.46 -11.58 -16.62
CA SER C 206 36.41 -12.43 -15.44
C SER C 206 37.40 -11.89 -14.41
N GLY C 207 37.32 -12.42 -13.20
CA GLY C 207 38.21 -11.99 -12.14
C GLY C 207 37.91 -12.74 -10.86
N SER C 208 38.72 -12.45 -9.84
CA SER C 208 38.60 -13.10 -8.55
C SER C 208 38.84 -12.13 -7.40
N GLY C 209 38.44 -10.87 -7.56
CA GLY C 209 38.68 -9.87 -6.55
C GLY C 209 39.89 -9.03 -6.86
N THR C 210 40.94 -9.66 -7.37
CA THR C 210 42.14 -8.99 -7.86
C THR C 210 42.62 -9.70 -9.12
N ALA C 211 43.47 -9.01 -9.87
CA ALA C 211 44.10 -9.56 -11.08
C ALA C 211 43.04 -10.00 -12.10
N PHE C 212 42.30 -9.01 -12.57
CA PHE C 212 41.23 -9.21 -13.55
C PHE C 212 41.79 -9.28 -14.96
N THR C 213 40.95 -9.67 -15.89
CA THR C 213 41.36 -9.78 -17.29
C THR C 213 40.15 -9.61 -18.19
N LEU C 214 40.41 -9.13 -19.40
CA LEU C 214 39.41 -9.00 -20.44
C LEU C 214 39.85 -9.81 -21.66
N THR C 215 38.96 -10.69 -22.13
CA THR C 215 39.29 -11.65 -23.18
C THR C 215 38.50 -11.32 -24.43
N ILE C 216 39.20 -11.25 -25.56
CA ILE C 216 38.59 -11.06 -26.88
C ILE C 216 38.93 -12.28 -27.72
N SER C 217 37.91 -12.88 -28.33
CA SER C 217 38.07 -14.14 -29.07
C SER C 217 38.15 -13.92 -30.57
N ARG C 218 37.38 -12.98 -31.11
CA ARG C 218 37.29 -12.79 -32.55
C ARG C 218 37.72 -11.37 -32.94
N LEU C 219 38.87 -10.93 -32.42
CA LEU C 219 39.36 -9.58 -32.63
C LEU C 219 39.34 -9.20 -34.11
N GLU C 220 38.66 -8.10 -34.42
CA GLU C 220 38.57 -7.56 -35.76
C GLU C 220 39.41 -6.29 -35.87
N ALA C 221 39.37 -5.66 -37.03
CA ALA C 221 40.10 -4.42 -37.28
C ALA C 221 39.51 -3.23 -36.54
N GLU C 222 38.29 -3.35 -36.02
CA GLU C 222 37.66 -2.25 -35.29
C GLU C 222 38.04 -2.21 -33.83
N ASP C 223 38.42 -3.34 -33.24
CA ASP C 223 38.74 -3.41 -31.81
C ASP C 223 40.18 -2.97 -31.54
N VAL C 224 40.51 -1.75 -31.96
CA VAL C 224 41.82 -1.17 -31.71
C VAL C 224 41.64 0.15 -30.97
N GLY C 225 42.55 0.43 -30.05
CA GLY C 225 42.49 1.62 -29.24
C GLY C 225 43.11 1.37 -27.89
N VAL C 226 42.65 2.13 -26.90
CA VAL C 226 43.15 2.05 -25.53
C VAL C 226 42.06 1.44 -24.65
N TYR C 227 42.44 0.48 -23.82
CA TYR C 227 41.52 -0.21 -22.92
C TYR C 227 41.74 0.29 -21.51
N TYR C 228 40.67 0.70 -20.84
CA TYR C 228 40.74 1.21 -19.48
C TYR C 228 39.87 0.35 -18.55
N CYS C 229 40.33 0.21 -17.31
CA CYS C 229 39.59 -0.49 -16.27
C CYS C 229 39.43 0.45 -15.08
N MET C 230 38.27 0.40 -14.42
CA MET C 230 37.89 1.39 -13.43
C MET C 230 37.16 0.72 -12.27
N GLN C 231 37.47 1.15 -11.05
CA GLN C 231 36.81 0.67 -9.85
C GLN C 231 35.61 1.57 -9.52
N HIS C 232 34.65 1.03 -8.76
CA HIS C 232 33.49 1.82 -8.40
C HIS C 232 32.97 1.55 -6.99
N LEU C 233 33.81 1.06 -6.07
CA LEU C 233 33.29 0.84 -4.72
C LEU C 233 33.06 2.17 -3.99
N GLU C 234 34.14 2.94 -3.91
CA GLU C 234 34.11 4.23 -3.18
C GLU C 234 34.16 5.33 -4.21
N TYR C 235 33.62 6.50 -3.89
CA TYR C 235 33.55 7.54 -4.96
C TYR C 235 34.91 8.09 -5.39
N PRO C 236 35.99 8.18 -4.60
CA PRO C 236 37.24 8.61 -5.17
C PRO C 236 37.43 7.50 -6.22
N LEU C 237 37.46 7.85 -7.52
CA LEU C 237 37.56 6.81 -8.58
C LEU C 237 38.91 6.93 -9.29
N THR C 238 39.44 5.83 -9.81
CA THR C 238 40.73 5.76 -10.47
C THR C 238 40.68 4.80 -11.64
N PHE C 239 41.15 5.26 -12.80
CA PHE C 239 41.25 4.42 -13.99
C PHE C 239 42.59 3.71 -13.99
N GLY C 240 42.90 3.02 -15.08
CA GLY C 240 44.20 2.42 -15.29
C GLY C 240 45.07 3.25 -16.20
N ALA C 241 46.29 2.74 -16.42
CA ALA C 241 47.21 3.42 -17.32
C ALA C 241 46.70 3.39 -18.76
N GLY C 242 46.08 2.30 -19.17
CA GLY C 242 45.55 2.18 -20.51
C GLY C 242 46.37 1.28 -21.41
N THR C 243 45.80 0.16 -21.82
CA THR C 243 46.46 -0.79 -22.70
C THR C 243 46.10 -0.48 -24.14
N LYS C 244 47.12 -0.20 -24.96
CA LYS C 244 46.92 0.20 -26.35
C LYS C 244 47.15 -0.99 -27.27
N LEU C 245 46.23 -1.20 -28.21
CA LEU C 245 46.32 -2.26 -29.20
C LEU C 245 46.47 -1.64 -30.57
N GLU C 246 47.49 -2.07 -31.31
CA GLU C 246 47.77 -1.58 -32.65
C GLU C 246 47.87 -2.74 -33.62
N LEU C 247 47.99 -2.41 -34.90
CA LEU C 247 48.10 -3.38 -35.98
C LEU C 247 46.93 -4.36 -35.99
N THR D 1 -30.64 -21.92 -35.33
CA THR D 1 -29.80 -21.94 -36.52
C THR D 1 -28.33 -21.75 -36.17
N ALA D 2 -28.03 -20.64 -35.49
CA ALA D 2 -26.67 -20.35 -35.06
C ALA D 2 -26.21 -21.24 -33.91
N SER D 3 -27.13 -21.68 -33.05
CA SER D 3 -26.76 -22.52 -31.92
C SER D 3 -26.39 -23.93 -32.32
N ILE D 4 -26.89 -24.42 -33.45
CA ILE D 4 -26.54 -25.78 -33.87
C ILE D 4 -25.06 -25.87 -34.26
N ALA D 5 -24.49 -24.77 -34.79
CA ALA D 5 -23.08 -24.79 -35.15
C ALA D 5 -22.19 -24.92 -33.91
N GLN D 6 -22.47 -24.13 -32.88
CA GLN D 6 -21.70 -24.24 -31.65
C GLN D 6 -21.97 -25.55 -30.93
N ALA D 7 -23.19 -26.10 -31.04
CA ALA D 7 -23.45 -27.43 -30.49
C ALA D 7 -22.62 -28.49 -31.19
N ARG D 8 -22.50 -28.39 -32.52
CA ARG D 8 -21.66 -29.32 -33.26
C ARG D 8 -20.19 -29.17 -32.87
N LYS D 9 -19.72 -27.93 -32.73
CA LYS D 9 -18.35 -27.71 -32.27
C LYS D 9 -18.14 -28.35 -30.90
N LEU D 10 -19.12 -28.19 -30.01
CA LEU D 10 -19.03 -28.78 -28.67
C LEU D 10 -18.99 -30.31 -28.74
N VAL D 11 -19.80 -30.92 -29.59
CA VAL D 11 -19.85 -32.38 -29.61
C VAL D 11 -18.56 -32.96 -30.21
N GLU D 12 -18.00 -32.34 -31.26
CA GLU D 12 -16.69 -32.80 -31.71
C GLU D 12 -15.60 -32.52 -30.68
N GLN D 13 -15.69 -31.41 -29.93
CA GLN D 13 -14.72 -31.16 -28.87
C GLN D 13 -14.76 -32.26 -27.81
N LEU D 14 -15.97 -32.64 -27.39
CA LEU D 14 -16.11 -33.72 -26.42
C LEU D 14 -15.68 -35.06 -26.99
N LYS D 15 -15.93 -35.29 -28.28
CA LYS D 15 -15.49 -36.53 -28.90
C LYS D 15 -13.96 -36.63 -28.90
N MET D 16 -13.28 -35.54 -29.22
CA MET D 16 -11.82 -35.56 -29.21
C MET D 16 -11.27 -35.56 -27.79
N GLU D 17 -12.03 -35.05 -26.81
CA GLU D 17 -11.60 -35.15 -25.42
C GLU D 17 -11.74 -36.57 -24.86
N ALA D 18 -12.78 -37.30 -25.26
CA ALA D 18 -13.01 -38.62 -24.71
C ALA D 18 -11.96 -39.63 -25.18
N ASN D 19 -11.39 -39.41 -26.36
CA ASN D 19 -10.39 -40.33 -26.92
C ASN D 19 -9.02 -40.05 -26.32
N ILE D 20 -8.95 -40.19 -24.99
CA ILE D 20 -7.71 -40.03 -24.25
C ILE D 20 -7.54 -41.25 -23.34
N ASP D 21 -6.42 -41.95 -23.47
CA ASP D 21 -6.13 -43.10 -22.62
C ASP D 21 -5.58 -42.63 -21.30
N ARG D 22 -6.47 -42.46 -20.31
CA ARG D 22 -6.09 -41.98 -18.99
C ARG D 22 -5.38 -43.08 -18.21
N ILE D 23 -4.38 -42.69 -17.44
CA ILE D 23 -3.66 -43.64 -16.58
C ILE D 23 -4.37 -43.72 -15.24
N LYS D 24 -4.10 -44.78 -14.49
CA LYS D 24 -4.73 -44.98 -13.19
C LYS D 24 -4.20 -43.96 -12.18
N VAL D 25 -4.97 -43.74 -11.12
CA VAL D 25 -4.56 -42.82 -10.07
C VAL D 25 -3.34 -43.36 -9.33
N SER D 26 -3.25 -44.68 -9.17
CA SER D 26 -2.10 -45.27 -8.50
C SER D 26 -0.80 -44.98 -9.24
N LYS D 27 -0.80 -45.07 -10.57
CA LYS D 27 0.39 -44.72 -11.34
C LYS D 27 0.60 -43.22 -11.36
N ALA D 28 -0.48 -42.45 -11.38
CA ALA D 28 -0.37 -41.00 -11.41
C ALA D 28 0.12 -40.42 -10.09
N ALA D 29 -0.37 -40.91 -8.96
CA ALA D 29 0.07 -40.39 -7.66
C ALA D 29 1.48 -40.86 -7.32
N ALA D 30 1.91 -42.00 -7.85
CA ALA D 30 3.27 -42.46 -7.62
C ALA D 30 4.30 -41.51 -8.21
N ASP D 31 4.03 -40.99 -9.41
CA ASP D 31 4.92 -40.00 -10.01
C ASP D 31 4.96 -38.71 -9.17
N LEU D 32 3.80 -38.28 -8.68
CA LEU D 32 3.77 -37.11 -7.80
C LEU D 32 4.51 -37.38 -6.49
N MET D 33 4.39 -38.60 -5.95
CA MET D 33 5.15 -38.95 -4.77
C MET D 33 6.65 -38.90 -5.03
N ALA D 34 7.09 -39.44 -6.16
CA ALA D 34 8.51 -39.40 -6.51
C ALA D 34 9.00 -37.97 -6.67
N TYR D 35 8.19 -37.13 -7.33
CA TYR D 35 8.54 -35.73 -7.50
C TYR D 35 8.66 -35.00 -6.18
N CYS D 36 7.74 -35.23 -5.24
CA CYS D 36 7.80 -34.52 -3.96
C CYS D 36 8.94 -35.02 -3.10
N GLU D 37 9.18 -36.34 -3.06
CA GLU D 37 10.21 -36.89 -2.19
C GLU D 37 11.61 -36.84 -2.78
N ALA D 38 11.74 -36.59 -4.08
CA ALA D 38 13.05 -36.51 -4.70
C ALA D 38 13.58 -35.09 -4.80
N HIS D 39 12.72 -34.08 -4.60
CA HIS D 39 13.12 -32.68 -4.69
C HIS D 39 13.00 -31.97 -3.34
N ALA D 40 12.95 -32.72 -2.25
CA ALA D 40 12.86 -32.11 -0.93
C ALA D 40 14.21 -31.66 -0.39
N LYS D 41 15.31 -32.22 -0.89
CA LYS D 41 16.62 -31.79 -0.41
C LYS D 41 17.04 -30.46 -1.02
N GLU D 42 16.30 -29.97 -2.02
CA GLU D 42 16.62 -28.73 -2.70
C GLU D 42 15.61 -27.63 -2.41
N ASP D 43 14.43 -27.98 -1.94
CA ASP D 43 13.38 -27.02 -1.61
C ASP D 43 13.81 -26.18 -0.40
N PRO D 44 13.68 -24.86 -0.44
CA PRO D 44 14.13 -24.04 0.69
C PRO D 44 13.03 -23.65 1.65
N LEU D 45 11.83 -24.23 1.51
CA LEU D 45 10.76 -24.01 2.46
C LEU D 45 10.32 -25.28 3.18
N LEU D 46 10.29 -26.42 2.49
CA LEU D 46 10.08 -27.69 3.17
C LEU D 46 11.23 -28.00 4.11
N THR D 47 12.46 -27.92 3.60
CA THR D 47 13.67 -28.06 4.41
C THR D 47 14.45 -26.76 4.34
N PRO D 48 14.34 -25.86 5.31
CA PRO D 48 14.96 -24.55 5.21
C PRO D 48 16.48 -24.63 5.11
N VAL D 49 17.03 -23.73 4.32
CA VAL D 49 18.48 -23.61 4.11
C VAL D 49 19.07 -22.88 5.31
N PRO D 50 20.29 -23.23 5.75
CA PRO D 50 20.93 -22.45 6.81
C PRO D 50 21.17 -21.01 6.40
N ALA D 51 21.14 -20.13 7.40
CA ALA D 51 21.26 -18.69 7.17
C ALA D 51 22.60 -18.28 6.57
N SER D 52 23.62 -19.14 6.63
CA SER D 52 24.90 -18.81 6.00
C SER D 52 24.76 -18.69 4.49
N GLU D 53 23.96 -19.57 3.87
CA GLU D 53 23.71 -19.51 2.44
C GLU D 53 22.42 -18.79 2.09
N ASN D 54 21.73 -18.23 3.06
CA ASN D 54 20.46 -17.55 2.81
C ASN D 54 20.70 -16.12 2.35
N PRO D 55 20.23 -15.73 1.16
CA PRO D 55 20.42 -14.34 0.71
C PRO D 55 19.41 -13.36 1.29
N PHE D 56 18.33 -13.82 1.92
CA PHE D 56 17.35 -12.95 2.55
C PHE D 56 17.68 -12.68 4.02
N ARG D 57 18.93 -12.92 4.43
CA ARG D 57 19.34 -12.73 5.81
C ARG D 57 19.19 -11.28 6.25
N ARG E 1 5.60 29.43 60.11
CA ARG E 1 6.07 29.08 58.75
C ARG E 1 5.92 27.57 58.55
N THR E 2 4.71 27.03 58.77
CA THR E 2 4.47 25.58 58.61
C THR E 2 4.63 25.18 57.14
N ARG E 3 4.58 26.16 56.23
CA ARG E 3 4.70 25.87 54.77
C ARG E 3 3.70 24.76 54.43
N PHE E 4 4.16 23.68 53.79
CA PHE E 4 3.25 22.52 53.51
C PHE E 4 4.05 21.23 53.44
N PRO E 5 3.72 20.20 54.24
CA PRO E 5 4.45 18.92 54.21
C PRO E 5 3.97 18.07 53.04
N PHE E 6 4.34 18.44 51.81
CA PHE E 6 3.94 17.65 50.62
C PHE E 6 4.28 16.19 50.86
N PHE E 7 3.26 15.32 50.94
CA PHE E 7 3.45 13.88 51.12
C PHE E 7 4.23 13.55 52.39
N SER E 8 3.98 14.30 53.46
CA SER E 8 4.74 14.06 54.72
C SER E 8 3.79 14.11 55.92
N ASP E 9 2.86 13.16 56.02
CA ASP E 9 1.97 13.10 57.19
C ASP E 9 2.81 12.66 58.40
N VAL E 10 3.29 13.61 59.21
CA VAL E 10 4.22 13.21 60.26
C VAL E 10 3.59 12.23 61.25
N LYS E 11 2.32 12.45 61.63
CA LYS E 11 1.66 11.66 62.65
C LYS E 11 0.43 10.99 62.04
N GLY E 12 0.62 9.77 61.53
CA GLY E 12 -0.52 9.03 60.96
C GLY E 12 -1.14 8.14 62.02
N ASP E 13 -2.38 7.69 61.79
CA ASP E 13 -3.02 6.76 62.75
C ASP E 13 -3.03 5.38 62.06
N HIS E 14 -2.65 4.33 62.77
CA HIS E 14 -2.57 2.98 62.15
C HIS E 14 -1.70 3.08 60.89
N ARG E 15 -0.51 3.68 60.98
CA ARG E 15 0.30 3.89 59.76
C ARG E 15 0.57 2.53 59.11
N LEU E 16 0.91 1.53 59.91
CA LEU E 16 1.08 0.16 59.36
C LEU E 16 -0.03 -0.07 58.33
N VAL E 17 -1.30 0.12 58.75
CA VAL E 17 -2.46 -0.07 57.84
C VAL E 17 -2.48 1.05 56.80
N LEU E 18 -2.36 2.30 57.23
CA LEU E 18 -2.44 3.45 56.30
C LEU E 18 -1.34 3.37 55.24
N ALA E 19 -0.09 3.13 55.67
CA ALA E 19 1.00 3.15 54.67
C ALA E 19 0.77 2.00 53.68
N ALA E 20 0.33 0.86 54.19
CA ALA E 20 0.13 -0.32 53.32
C ALA E 20 -0.96 0.02 52.28
N VAL E 21 -2.06 0.63 52.74
CA VAL E 21 -3.17 1.00 51.82
C VAL E 21 -2.59 1.92 50.75
N GLU E 22 -1.86 2.95 51.13
CA GLU E 22 -1.40 3.89 50.08
C GLU E 22 -0.52 3.08 49.11
N THR E 23 0.44 2.30 49.60
CA THR E 23 1.36 1.63 48.65
C THR E 23 0.55 0.76 47.69
N THR E 24 -0.45 0.04 48.21
CA THR E 24 -1.21 -0.89 47.36
C THR E 24 -2.01 -0.11 46.30
N VAL E 25 -2.75 0.91 46.72
CA VAL E 25 -3.62 1.59 45.70
C VAL E 25 -2.68 2.18 44.66
N LEU E 26 -1.41 2.33 45.02
CA LEU E 26 -0.48 3.02 44.12
C LEU E 26 0.16 2.05 43.13
N VAL E 27 0.57 0.87 43.59
CA VAL E 27 1.15 -0.09 42.66
C VAL E 27 0.09 -0.62 41.70
N LEU E 28 -1.16 -0.78 42.14
CA LEU E 28 -2.22 -1.18 41.22
C LEU E 28 -2.45 -0.11 40.15
N ILE E 29 -2.45 1.16 40.56
CA ILE E 29 -2.61 2.25 39.60
C ILE E 29 -1.47 2.25 38.59
N PHE E 30 -0.24 2.09 39.09
CA PHE E 30 0.92 1.99 38.21
C PHE E 30 0.74 0.84 37.22
N ALA E 31 0.32 -0.32 37.71
CA ALA E 31 0.17 -1.49 36.84
C ALA E 31 -0.87 -1.24 35.74
N VAL E 32 -2.06 -0.78 36.13
CA VAL E 32 -3.11 -0.63 35.12
C VAL E 32 -2.74 0.46 34.12
N SER E 33 -2.22 1.60 34.61
CA SER E 33 -1.86 2.68 33.70
C SER E 33 -0.76 2.25 32.74
N LEU E 34 0.29 1.60 33.25
CA LEU E 34 1.38 1.19 32.38
C LEU E 34 0.93 0.14 31.37
N LEU E 35 0.12 -0.83 31.80
CA LEU E 35 -0.34 -1.86 30.87
C LEU E 35 -1.21 -1.26 29.77
N GLY E 36 -2.18 -0.43 30.15
CA GLY E 36 -3.02 0.22 29.16
C GLY E 36 -2.23 1.09 28.21
N ASN E 37 -1.23 1.81 28.73
CA ASN E 37 -0.43 2.68 27.88
C ASN E 37 0.45 1.88 26.92
N VAL E 38 1.09 0.80 27.39
CA VAL E 38 1.93 0.02 26.47
C VAL E 38 1.11 -0.74 25.45
N CYS E 39 -0.15 -1.05 25.76
CA CYS E 39 -1.02 -1.64 24.75
C CYS E 39 -1.46 -0.60 23.73
N ALA E 40 -1.95 0.54 24.22
CA ALA E 40 -2.50 1.56 23.33
C ALA E 40 -1.43 2.21 22.47
N LEU E 41 -0.23 2.42 23.02
CA LEU E 41 0.83 3.06 22.25
C LEU E 41 1.30 2.18 21.11
N VAL E 42 1.48 0.88 21.36
CA VAL E 42 1.86 -0.02 20.27
C VAL E 42 0.72 -0.20 19.27
N LEU E 43 -0.55 -0.22 19.72
CA LEU E 43 -1.65 -0.29 18.77
C LEU E 43 -1.69 0.95 17.87
N VAL E 44 -1.51 2.14 18.45
CA VAL E 44 -1.55 3.36 17.65
C VAL E 44 -0.32 3.46 16.75
N ALA E 45 0.82 2.93 17.20
CA ALA E 45 2.00 2.90 16.33
C ALA E 45 1.77 1.98 15.14
N ARG E 46 1.18 0.82 15.38
CA ARG E 46 0.85 -0.08 14.27
C ARG E 46 -0.15 0.57 13.32
N ARG E 47 -1.14 1.26 13.87
CA ARG E 47 -2.13 1.93 13.02
C ARG E 47 -1.50 3.04 12.19
N ARG E 48 -0.62 3.82 12.81
CA ARG E 48 0.03 4.95 12.09
C ARG E 48 1.08 4.41 11.12
N ARG E 49 1.66 3.24 11.42
CA ARG E 49 2.68 2.64 10.52
C ARG E 49 2.00 2.22 9.21
N ARG E 50 0.67 2.06 9.24
CA ARG E 50 -0.10 1.68 8.02
C ARG E 50 -0.54 2.96 7.29
N GLY E 51 0.10 4.09 7.61
CA GLY E 51 -0.21 5.36 6.91
C GLY E 51 -1.48 6.01 7.41
N ALA E 52 -1.79 5.89 8.70
CA ALA E 52 -2.99 6.54 9.28
C ALA E 52 -2.75 8.05 9.40
N THR E 53 -3.81 8.84 9.30
CA THR E 53 -3.69 10.32 9.38
C THR E 53 -2.89 10.71 10.64
N ALA E 54 -1.79 11.46 10.47
CA ALA E 54 -1.01 11.92 11.61
C ALA E 54 -1.93 12.42 12.72
N CYS E 55 -1.63 12.02 13.95
CA CYS E 55 -2.48 12.31 15.09
C CYS E 55 -1.63 12.80 16.27
N LEU E 56 -2.31 13.33 17.27
CA LEU E 56 -1.66 13.79 18.50
C LEU E 56 -1.96 12.91 19.71
N VAL E 57 -2.72 11.84 19.53
CA VAL E 57 -3.13 11.02 20.67
C VAL E 57 -1.94 10.24 21.23
N LEU E 58 -0.97 9.90 20.39
CA LEU E 58 0.23 9.25 20.89
C LEU E 58 1.02 10.16 21.82
N ASN E 59 0.94 11.48 21.60
CA ASN E 59 1.58 12.42 22.52
C ASN E 59 0.94 12.32 23.91
N LEU E 60 -0.38 12.20 23.96
CA LEU E 60 -1.05 11.96 25.23
C LEU E 60 -0.62 10.63 25.82
N PHE E 61 -0.52 9.60 24.98
CA PHE E 61 -0.17 8.27 25.45
C PHE E 61 1.23 8.21 26.04
N CYS E 62 2.16 9.01 25.54
CA CYS E 62 3.49 9.08 26.14
C CYS E 62 3.57 10.06 27.30
N ALA E 63 2.79 11.14 27.27
CA ALA E 63 2.79 12.09 28.37
C ALA E 63 2.24 11.45 29.65
N ASP E 64 1.13 10.73 29.53
CA ASP E 64 0.58 10.07 30.73
C ASP E 64 1.38 8.84 31.13
N LEU E 65 2.19 8.28 30.23
CA LEU E 65 3.16 7.27 30.64
C LEU E 65 4.31 7.88 31.42
N LEU E 66 4.75 9.08 31.03
CA LEU E 66 5.71 9.83 31.82
C LEU E 66 5.11 10.27 33.15
N PHE E 67 3.79 10.48 33.21
CA PHE E 67 3.14 10.87 34.45
C PHE E 67 3.30 9.82 35.54
N ILE E 68 3.18 8.53 35.17
CA ILE E 68 3.34 7.45 36.14
C ILE E 68 4.80 7.09 36.37
N SER E 69 5.74 7.84 35.80
CA SER E 69 7.15 7.58 36.03
C SER E 69 7.64 8.19 37.34
N ALA E 70 6.86 9.09 37.95
CA ALA E 70 7.25 9.75 39.18
C ALA E 70 6.59 9.14 40.41
N ILE E 71 5.62 8.26 40.24
CA ILE E 71 4.95 7.61 41.38
C ILE E 71 5.86 6.62 42.11
N PRO E 72 6.87 5.98 41.48
CA PRO E 72 7.80 5.18 42.29
C PRO E 72 8.48 5.98 43.38
N LEU E 73 8.99 7.17 43.05
CA LEU E 73 9.55 8.03 44.08
C LEU E 73 8.47 8.46 45.06
N VAL E 74 7.23 8.62 44.58
CA VAL E 74 6.15 9.05 45.45
C VAL E 74 5.89 8.02 46.55
N LEU E 75 5.72 6.74 46.22
CA LEU E 75 5.45 5.80 47.29
C LEU E 75 6.71 5.37 48.00
N ALA E 76 7.90 5.58 47.41
CA ALA E 76 9.12 5.46 48.20
C ALA E 76 9.14 6.49 49.33
N VAL E 77 8.73 7.73 49.01
CA VAL E 77 8.69 8.79 50.05
C VAL E 77 7.48 8.56 50.97
N ARG E 78 6.40 7.97 50.46
CA ARG E 78 5.20 7.84 51.31
C ARG E 78 5.54 7.03 52.57
N TRP E 79 6.32 5.96 52.45
CA TRP E 79 6.73 5.22 53.67
C TRP E 79 7.60 6.13 54.54
N THR E 80 8.78 6.50 54.05
CA THR E 80 9.73 7.32 54.84
C THR E 80 9.00 8.51 55.46
N GLU E 81 8.01 9.07 54.75
CA GLU E 81 7.26 10.27 55.23
C GLU E 81 8.19 11.48 55.13
N ALA E 82 9.27 11.51 55.92
CA ALA E 82 10.24 12.61 55.78
C ALA E 82 10.97 12.39 54.44
N TRP E 83 11.29 13.47 53.72
CA TRP E 83 11.89 13.27 52.38
C TRP E 83 13.39 13.04 52.56
N LEU E 84 13.79 11.79 52.77
CA LEU E 84 15.23 11.45 52.98
C LEU E 84 16.01 11.73 51.68
N LEU E 85 15.34 11.65 50.53
CA LEU E 85 16.07 11.81 49.24
C LEU E 85 16.67 13.21 49.16
N GLY E 86 17.81 13.34 48.46
CA GLY E 86 18.52 14.64 48.38
C GLY E 86 17.70 15.69 47.66
N PRO E 87 17.97 17.00 47.87
CA PRO E 87 17.15 18.04 47.27
C PRO E 87 17.11 17.86 45.75
N VAL E 88 18.26 17.59 45.13
CA VAL E 88 18.30 17.46 43.63
C VAL E 88 17.39 16.30 43.22
N ALA E 89 17.46 15.18 43.95
CA ALA E 89 16.55 14.05 43.66
C ALA E 89 15.11 14.48 43.93
N CYS E 90 14.89 15.20 45.03
CA CYS E 90 13.53 15.70 45.36
C CYS E 90 13.10 16.71 44.29
N HIS E 91 13.92 17.62 43.77
CA HIS E 91 13.36 18.56 42.74
C HIS E 91 12.64 17.81 41.61
N LEU E 92 13.31 16.79 41.07
CA LEU E 92 12.80 16.08 39.87
C LEU E 92 11.32 15.70 40.02
N LEU E 93 10.92 15.12 41.15
CA LEU E 93 9.52 14.62 41.27
C LEU E 93 8.54 15.75 40.98
N PHE E 94 8.57 16.79 41.80
CA PHE E 94 7.56 17.86 41.64
C PHE E 94 7.69 18.47 40.25
N TYR E 95 8.92 18.57 39.71
CA TYR E 95 8.98 19.23 38.38
C TYR E 95 8.35 18.37 37.28
N VAL E 96 8.66 17.07 37.18
CA VAL E 96 8.16 16.27 36.01
C VAL E 96 6.65 16.08 36.11
N MET E 97 6.14 15.65 37.25
CA MET E 97 4.68 15.48 37.48
C MET E 97 3.91 16.68 36.93
N THR E 98 4.38 17.90 37.16
CA THR E 98 3.60 19.09 36.74
C THR E 98 4.03 19.48 35.33
N LEU E 99 4.87 18.66 34.71
CA LEU E 99 5.21 18.91 33.28
C LEU E 99 4.34 17.94 32.48
N SER E 100 4.13 16.75 33.03
CA SER E 100 3.22 15.79 32.37
C SER E 100 1.78 16.27 32.50
N GLY E 101 1.37 16.66 33.70
CA GLY E 101 0.00 17.15 33.92
C GLY E 101 -0.36 18.23 32.92
N SER E 102 0.55 19.18 32.71
CA SER E 102 0.27 20.31 31.80
C SER E 102 0.57 19.92 30.35
N VAL E 103 1.03 18.69 30.11
CA VAL E 103 1.19 18.24 28.70
C VAL E 103 0.04 17.26 28.41
N THR E 104 -0.57 16.69 29.45
CA THR E 104 -1.77 15.85 29.23
C THR E 104 -2.95 16.80 28.99
N ILE E 105 -3.26 17.69 29.93
CA ILE E 105 -4.46 18.56 29.76
C ILE E 105 -4.35 19.26 28.43
N LEU E 106 -3.16 19.65 28.00
CA LEU E 106 -3.06 20.46 26.76
C LEU E 106 -3.18 19.57 25.52
N THR E 107 -2.71 18.32 25.58
CA THR E 107 -2.92 17.45 24.39
C THR E 107 -4.38 16.98 24.33
N LEU E 108 -5.03 16.69 25.48
CA LEU E 108 -6.47 16.31 25.48
C LEU E 108 -7.27 17.43 24.81
N ALA E 109 -6.86 18.68 25.00
CA ALA E 109 -7.59 19.82 24.41
C ALA E 109 -7.14 20.05 22.97
N ALA E 110 -5.96 19.56 22.62
CA ALA E 110 -5.51 19.68 21.22
C ALA E 110 -6.08 18.52 20.40
N VAL E 111 -6.17 17.33 20.97
CA VAL E 111 -6.81 16.22 20.23
C VAL E 111 -8.23 16.67 19.90
N SER E 112 -8.93 17.28 20.86
CA SER E 112 -10.36 17.63 20.63
C SER E 112 -10.52 18.84 19.73
N LEU E 113 -9.45 19.57 19.44
CA LEU E 113 -9.61 20.68 18.47
C LEU E 113 -9.21 20.13 17.09
N GLU E 114 -8.29 19.17 17.04
CA GLU E 114 -7.96 18.53 15.75
C GLU E 114 -9.21 17.79 15.25
N ARG E 115 -9.96 17.16 16.16
CA ARG E 115 -11.13 16.36 15.75
C ARG E 115 -12.28 17.29 15.34
N MET E 116 -12.56 18.37 16.05
CA MET E 116 -13.62 19.30 15.59
C MET E 116 -13.09 20.17 14.45
N VAL E 117 -11.83 20.02 14.06
CA VAL E 117 -11.37 20.82 12.88
C VAL E 117 -11.51 19.94 11.63
N CYS E 118 -11.41 18.63 11.78
CA CYS E 118 -11.50 17.72 10.62
C CYS E 118 -12.97 17.33 10.41
N ILE E 119 -13.62 16.79 11.44
CA ILE E 119 -15.05 16.37 11.34
C ILE E 119 -15.92 17.60 11.02
N VAL E 120 -15.36 18.80 11.09
CA VAL E 120 -16.15 20.00 10.71
C VAL E 120 -15.53 20.71 9.50
N HIS E 121 -14.31 21.25 9.63
CA HIS E 121 -13.76 22.09 8.52
C HIS E 121 -13.08 21.22 7.46
N LEU E 122 -11.87 20.72 7.75
CA LEU E 122 -11.11 19.93 6.74
C LEU E 122 -11.75 18.54 6.65
N GLN E 123 -12.95 18.44 6.09
CA GLN E 123 -13.66 17.14 6.08
C GLN E 123 -12.77 16.07 5.45
N ARG E 124 -12.27 16.33 4.24
CA ARG E 124 -11.42 15.32 3.54
C ARG E 124 -10.64 16.01 2.41
N GLY E 125 -9.44 16.48 2.70
CA GLY E 125 -8.61 17.18 1.69
C GLY E 125 -7.33 17.71 2.30
N PRO E 129 -3.50 22.11 8.28
CA PRO E 129 -3.57 20.64 8.38
C PRO E 129 -2.19 20.00 8.16
N GLY E 130 -1.17 20.82 7.91
CA GLY E 130 0.17 20.28 7.62
C GLY E 130 0.65 19.37 8.75
N ARG E 131 1.19 18.21 8.41
CA ARG E 131 1.75 17.31 9.47
C ARG E 131 2.77 18.14 10.27
N ARG E 132 3.58 18.95 9.58
CA ARG E 132 4.58 19.82 10.26
C ARG E 132 3.85 20.90 11.06
N ALA E 133 2.71 21.39 10.57
CA ALA E 133 1.92 22.38 11.35
C ALA E 133 1.47 21.73 12.65
N ARG E 134 0.93 20.52 12.58
CA ARG E 134 0.53 19.78 13.82
C ARG E 134 1.80 19.52 14.64
N ALA E 135 2.91 19.20 13.97
CA ALA E 135 4.18 18.92 14.68
C ALA E 135 4.64 20.16 15.43
N VAL E 136 4.48 21.35 14.82
CA VAL E 136 4.93 22.61 15.47
C VAL E 136 4.08 22.84 16.72
N LEU E 137 2.77 22.58 16.63
CA LEU E 137 1.91 22.70 17.84
C LEU E 137 2.38 21.68 18.88
N LEU E 138 2.64 20.44 18.46
CA LEU E 138 3.01 19.37 19.41
C LEU E 138 4.28 19.77 20.19
N ALA E 139 5.33 20.21 19.49
CA ALA E 139 6.59 20.50 20.21
C ALA E 139 6.34 21.67 21.16
N LEU E 140 5.57 22.67 20.71
CA LEU E 140 5.23 23.82 21.58
C LEU E 140 4.58 23.31 22.86
N ILE E 141 3.65 22.35 22.77
CA ILE E 141 2.90 21.85 23.96
C ILE E 141 3.90 21.32 24.99
N TRP E 142 4.76 20.38 24.56
CA TRP E 142 5.78 19.83 25.48
C TRP E 142 6.60 20.99 26.06
N GLY E 143 6.96 21.97 25.22
CA GLY E 143 7.80 23.10 25.67
C GLY E 143 7.08 24.02 26.63
N TYR E 144 5.95 24.59 26.20
CA TYR E 144 5.20 25.54 27.06
C TYR E 144 4.97 24.89 28.41
N SER E 145 4.66 23.59 28.44
CA SER E 145 4.38 22.89 29.71
C SER E 145 5.62 22.89 30.61
N ALA E 146 6.78 22.49 30.07
CA ALA E 146 8.01 22.42 30.88
C ALA E 146 8.33 23.82 31.42
N VAL E 147 8.34 24.81 30.53
CA VAL E 147 8.62 26.22 30.95
C VAL E 147 7.59 26.64 31.99
N ALA E 148 6.31 26.30 31.77
CA ALA E 148 5.26 26.79 32.70
C ALA E 148 5.57 26.29 34.10
N ALA E 149 5.88 25.01 34.28
CA ALA E 149 6.06 24.46 35.65
C ALA E 149 7.50 24.66 36.12
N LEU E 150 8.33 25.35 35.34
CA LEU E 150 9.72 25.64 35.79
C LEU E 150 9.68 26.36 37.14
N PRO E 151 8.84 27.41 37.37
CA PRO E 151 8.74 28.02 38.69
C PRO E 151 8.55 27.02 39.85
N LEU E 152 7.96 25.86 39.57
CA LEU E 152 7.84 24.82 40.63
C LEU E 152 9.16 24.06 40.81
N CYS E 153 10.19 24.36 40.01
CA CYS E 153 11.51 23.73 40.24
C CYS E 153 12.44 24.76 40.88
N VAL E 154 12.45 26.00 40.36
CA VAL E 154 13.32 27.06 40.92
C VAL E 154 12.82 27.49 42.31
N PHE E 155 11.54 27.80 42.45
CA PHE E 155 11.06 28.32 43.76
C PHE E 155 10.71 27.15 44.68
N PHE E 156 11.48 26.06 44.58
CA PHE E 156 11.24 24.86 45.40
C PHE E 156 12.51 24.52 46.17
N ARG E 157 12.41 24.25 47.47
CA ARG E 157 13.60 23.84 48.28
C ARG E 157 13.15 23.10 49.54
N VAL E 158 13.84 22.02 49.88
CA VAL E 158 13.51 21.25 51.12
C VAL E 158 13.94 22.07 52.35
N VAL E 159 13.14 22.02 53.42
CA VAL E 159 13.42 22.81 54.66
C VAL E 159 13.10 21.95 55.87
N PRO E 160 13.90 22.01 56.96
CA PRO E 160 13.67 21.14 58.12
C PRO E 160 12.47 21.53 58.99
N GLN E 161 11.80 20.55 59.58
CA GLN E 161 10.68 20.81 60.52
C GLN E 161 10.78 19.79 61.66
N ARG E 162 11.02 20.24 62.90
CA ARG E 162 11.20 19.34 64.07
C ARG E 162 12.63 18.76 64.02
N ILE E 170 11.65 14.97 59.57
CA ILE E 170 12.26 16.16 60.22
C ILE E 170 12.46 17.25 59.15
N SER E 171 12.25 16.91 57.88
CA SER E 171 12.42 17.89 56.78
C SER E 171 11.28 17.72 55.78
N ILE E 172 11.00 18.75 54.98
CA ILE E 172 9.86 18.69 54.01
C ILE E 172 10.26 19.41 52.72
N CYS E 173 9.85 18.87 51.57
CA CYS E 173 10.19 19.50 50.26
C CYS E 173 9.08 20.48 49.87
N THR E 174 8.97 21.61 50.58
CA THR E 174 7.91 22.62 50.29
C THR E 174 8.37 23.58 49.19
N LEU E 175 7.64 24.68 49.01
CA LEU E 175 7.98 25.64 47.93
C LEU E 175 8.39 26.97 48.57
N ILE E 176 9.53 27.54 48.15
CA ILE E 176 10.00 28.77 48.79
C ILE E 176 9.13 29.94 48.35
N TRP E 177 9.10 30.17 47.03
CA TRP E 177 8.25 31.25 46.45
C TRP E 177 8.45 32.55 47.21
N PRO E 178 9.62 33.21 47.10
CA PRO E 178 9.89 34.41 47.87
C PRO E 178 8.82 35.47 47.68
N THR E 179 8.50 35.79 46.44
CA THR E 179 7.55 36.86 46.14
C THR E 179 6.13 36.28 46.15
N ILE E 180 5.36 36.66 47.17
CA ILE E 180 3.97 36.19 47.30
C ILE E 180 3.11 36.74 46.15
N PRO E 181 3.16 38.04 45.83
CA PRO E 181 2.41 38.50 44.64
C PRO E 181 2.82 37.80 43.37
N GLY E 182 4.12 37.57 43.18
CA GLY E 182 4.56 36.80 42.02
C GLY E 182 4.06 35.37 42.04
N GLU E 183 4.06 34.76 43.23
CA GLU E 183 3.57 33.39 43.36
C GLU E 183 2.10 33.30 42.99
N ILE E 184 1.27 34.21 43.50
CA ILE E 184 -0.16 34.16 43.19
C ILE E 184 -0.40 34.51 41.73
N SER E 185 0.37 35.43 41.16
CA SER E 185 0.23 35.74 39.74
C SER E 185 0.57 34.52 38.87
N TRP E 186 1.66 33.83 39.19
CA TRP E 186 2.01 32.64 38.42
C TRP E 186 0.96 31.56 38.59
N ASP E 187 0.43 31.37 39.81
CA ASP E 187 -0.59 30.36 40.01
C ASP E 187 -1.88 30.66 39.26
N VAL E 188 -2.32 31.92 39.26
CA VAL E 188 -3.54 32.23 38.52
C VAL E 188 -3.31 32.15 37.02
N SER E 189 -2.13 32.55 36.52
CA SER E 189 -1.84 32.38 35.10
C SER E 189 -1.71 30.93 34.69
N PHE E 190 -1.26 30.06 35.59
CA PHE E 190 -1.25 28.63 35.34
C PHE E 190 -2.64 28.01 35.38
N VAL E 191 -3.50 28.45 36.29
CA VAL E 191 -4.88 27.97 36.33
C VAL E 191 -5.68 28.41 35.12
N THR E 192 -5.55 29.66 34.69
CA THR E 192 -6.35 30.19 33.59
C THR E 192 -5.78 29.87 32.21
N LEU E 193 -4.56 29.33 32.13
CA LEU E 193 -3.95 28.99 30.85
C LEU E 193 -3.60 27.51 30.74
N ASN E 194 -3.82 26.72 31.78
CA ASN E 194 -3.60 25.29 31.71
C ASN E 194 -4.77 24.46 32.22
N PHE E 195 -5.82 25.09 32.77
CA PHE E 195 -7.04 24.36 33.10
C PHE E 195 -8.31 25.05 32.66
N LEU E 196 -8.32 26.37 32.45
CA LEU E 196 -9.55 27.07 32.09
C LEU E 196 -9.80 27.06 30.59
N VAL E 197 -8.86 27.61 29.82
CA VAL E 197 -9.04 27.68 28.37
C VAL E 197 -8.95 26.30 27.71
N PRO E 198 -8.17 25.33 28.21
CA PRO E 198 -8.28 23.98 27.61
C PRO E 198 -9.65 23.36 27.84
N GLY E 199 -10.22 23.50 29.03
CA GLY E 199 -11.56 23.02 29.26
C GLY E 199 -12.58 23.72 28.38
N LEU E 200 -12.43 25.04 28.23
CA LEU E 200 -13.34 25.78 27.36
C LEU E 200 -13.25 25.33 25.92
N VAL E 201 -12.04 25.14 25.39
CA VAL E 201 -11.94 24.71 23.99
C VAL E 201 -12.43 23.28 23.82
N ILE E 202 -12.21 22.41 24.81
CA ILE E 202 -12.74 21.05 24.71
C ILE E 202 -14.26 21.07 24.68
N VAL E 203 -14.88 21.84 25.58
CA VAL E 203 -16.33 21.92 25.62
C VAL E 203 -16.87 22.52 24.32
N ILE E 204 -16.23 23.57 23.83
CA ILE E 204 -16.67 24.21 22.59
C ILE E 204 -16.57 23.24 21.42
N SER E 205 -15.47 22.50 21.32
CA SER E 205 -15.28 21.58 20.20
C SER E 205 -16.30 20.45 20.24
N TYR E 206 -16.51 19.86 21.42
CA TYR E 206 -17.44 18.75 21.51
C TYR E 206 -18.89 19.20 21.51
N SER E 207 -19.11 20.51 21.59
CA SER E 207 -20.48 21.02 21.43
C SER E 207 -20.73 21.13 19.93
N LYS E 208 -19.67 21.40 19.16
CA LYS E 208 -19.80 21.54 17.69
C LYS E 208 -19.99 20.16 17.06
N ILE E 209 -19.11 19.21 17.38
CA ILE E 209 -19.22 17.84 16.81
C ILE E 209 -20.63 17.32 17.13
N LEU E 210 -21.28 17.86 18.16
CA LEU E 210 -22.69 17.47 18.44
C LEU E 210 -23.64 18.30 17.57
N GLN E 211 -23.64 19.63 17.72
CA GLN E 211 -24.61 20.42 16.98
C GLN E 211 -24.53 20.12 15.48
N ILE E 212 -23.34 19.85 14.94
CA ILE E 212 -23.25 19.52 13.53
C ILE E 212 -23.88 18.16 13.25
N THR E 213 -23.70 17.19 14.16
CA THR E 213 -24.32 15.88 13.96
C THR E 213 -25.83 15.97 14.05
N LYS E 214 -26.34 16.73 15.02
CA LYS E 214 -27.78 16.91 15.14
C LYS E 214 -28.34 17.64 13.93
N ALA E 215 -27.63 18.65 13.41
CA ALA E 215 -28.09 19.34 12.21
C ALA E 215 -28.13 18.41 11.01
N SER E 216 -27.10 17.55 10.86
CA SER E 216 -27.11 16.61 9.75
C SER E 216 -28.28 15.63 9.87
N ARG E 217 -28.54 15.12 11.08
CA ARG E 217 -29.66 14.20 11.24
C ARG E 217 -31.00 14.88 10.98
N LYS E 218 -31.16 16.12 11.46
CA LYS E 218 -32.41 16.84 11.23
C LYS E 218 -32.60 17.15 9.75
N ARG E 219 -31.52 17.51 9.04
CA ARG E 219 -31.64 17.70 7.59
C ARG E 219 -31.98 16.39 6.90
N LEU E 220 -31.47 15.26 7.41
CA LEU E 220 -31.86 13.97 6.86
C LEU E 220 -33.34 13.71 7.04
N THR E 221 -33.90 14.05 8.20
CA THR E 221 -35.29 13.73 8.50
C THR E 221 -36.30 14.77 8.03
N VAL E 222 -35.87 15.96 7.62
CA VAL E 222 -36.80 16.99 7.15
C VAL E 222 -36.58 17.39 5.70
N SER E 223 -35.43 17.06 5.10
CA SER E 223 -35.18 17.43 3.71
C SER E 223 -35.32 16.27 2.73
N LEU E 224 -35.05 15.04 3.15
CA LEU E 224 -35.21 13.87 2.29
C LEU E 224 -36.53 13.15 2.52
N ALA E 225 -37.40 13.68 3.37
CA ALA E 225 -38.74 13.13 3.62
C ALA E 225 -38.65 11.68 4.11
N TYR E 226 -37.94 11.50 5.21
CA TYR E 226 -37.89 10.20 5.86
C TYR E 226 -39.12 10.01 6.77
N SER E 227 -39.32 8.78 7.20
CA SER E 227 -40.40 8.44 8.11
C SER E 227 -39.88 8.36 9.54
N GLU E 228 -40.80 8.51 10.50
CA GLU E 228 -40.45 8.42 11.90
C GLU E 228 -39.92 7.05 12.30
N SER E 229 -40.51 5.97 11.77
CA SER E 229 -39.99 4.64 12.03
C SER E 229 -38.58 4.48 11.47
N HIS E 230 -38.34 4.97 10.26
CA HIS E 230 -36.99 4.94 9.70
C HIS E 230 -36.04 5.79 10.54
N GLN E 231 -36.35 7.02 10.88
CA GLN E 231 -35.28 7.77 11.60
C GLN E 231 -34.76 6.92 12.75
N ILE E 232 -35.60 6.11 13.39
CA ILE E 232 -35.16 5.35 14.60
C ILE E 232 -34.42 4.07 14.19
N ARG E 233 -34.47 3.68 12.91
CA ARG E 233 -33.67 2.50 12.47
C ARG E 233 -32.34 2.98 11.87
N VAL E 234 -32.15 4.30 11.74
CA VAL E 234 -30.83 4.83 11.29
C VAL E 234 -30.17 5.52 12.49
N SER E 235 -30.93 6.34 13.21
CA SER E 235 -30.37 7.07 14.38
C SER E 235 -30.34 6.14 15.58
N GLN E 236 -29.58 5.05 15.50
CA GLN E 236 -29.44 4.12 16.64
C GLN E 236 -28.11 4.43 17.33
N GLN E 237 -27.37 5.42 16.83
CA GLN E 237 -26.03 5.73 17.39
C GLN E 237 -26.03 7.14 17.98
N ASP E 238 -27.14 7.87 17.88
CA ASP E 238 -27.10 9.29 18.33
C ASP E 238 -26.77 9.33 19.83
N PHE E 239 -27.41 8.50 20.64
CA PHE E 239 -27.05 8.43 22.08
C PHE E 239 -25.63 7.84 22.20
N ARG E 240 -25.33 6.83 21.37
CA ARG E 240 -24.01 6.17 21.46
C ARG E 240 -22.92 7.22 21.29
N LEU E 241 -23.02 8.07 20.27
CA LEU E 241 -22.05 9.18 20.09
C LEU E 241 -22.21 10.19 21.23
N PHE E 242 -23.46 10.55 21.56
CA PHE E 242 -23.62 11.61 22.59
C PHE E 242 -22.94 11.16 23.88
N ARG E 243 -23.48 10.12 24.51
CA ARG E 243 -22.88 9.59 25.73
C ARG E 243 -21.36 9.59 25.63
N THR E 244 -20.82 9.18 24.49
CA THR E 244 -19.37 9.09 24.36
C THR E 244 -18.71 10.46 24.56
N LEU E 245 -19.15 11.46 23.81
CA LEU E 245 -18.46 12.75 23.89
C LEU E 245 -18.83 13.55 25.15
N PHE E 246 -20.07 13.44 25.64
CA PHE E 246 -20.39 14.05 26.92
C PHE E 246 -19.56 13.43 28.03
N LEU E 247 -19.37 12.11 27.99
CA LEU E 247 -18.49 11.45 28.94
C LEU E 247 -17.07 11.96 28.81
N LEU E 248 -16.60 12.17 27.58
CA LEU E 248 -15.27 12.73 27.40
C LEU E 248 -15.13 14.06 28.13
N MET E 249 -16.05 15.00 27.88
CA MET E 249 -15.93 16.32 28.48
C MET E 249 -16.06 16.25 30.00
N VAL E 250 -17.11 15.59 30.51
CA VAL E 250 -17.32 15.55 31.95
C VAL E 250 -16.24 14.76 32.67
N SER E 251 -15.71 13.70 32.08
CA SER E 251 -14.60 12.99 32.70
C SER E 251 -13.37 13.87 32.78
N PHE E 252 -13.05 14.59 31.69
CA PHE E 252 -11.93 15.53 31.74
C PHE E 252 -12.10 16.52 32.88
N PHE E 253 -13.27 17.15 32.96
CA PHE E 253 -13.47 18.18 33.98
C PHE E 253 -13.45 17.59 35.39
N ILE E 254 -14.21 16.53 35.64
CA ILE E 254 -14.30 15.95 36.97
C ILE E 254 -13.02 15.24 37.38
N MET E 255 -12.10 14.98 36.45
CA MET E 255 -10.86 14.32 36.79
C MET E 255 -9.70 15.29 36.95
N TRP E 256 -9.72 16.41 36.23
CA TRP E 256 -8.67 17.41 36.37
C TRP E 256 -9.08 18.60 37.24
N SER E 257 -10.30 18.58 37.80
CA SER E 257 -10.69 19.63 38.74
C SER E 257 -10.12 19.47 40.15
N PRO E 258 -10.02 18.25 40.72
CA PRO E 258 -9.53 18.16 42.11
C PRO E 258 -8.15 18.73 42.31
N ILE E 259 -7.23 18.54 41.37
CA ILE E 259 -5.88 19.08 41.55
C ILE E 259 -5.91 20.60 41.54
N ILE E 260 -6.73 21.20 40.68
CA ILE E 260 -6.79 22.66 40.61
C ILE E 260 -7.43 23.24 41.87
N ILE E 261 -8.50 22.62 42.37
CA ILE E 261 -9.11 23.14 43.58
C ILE E 261 -8.19 22.96 44.78
N THR E 262 -7.42 21.86 44.83
CA THR E 262 -6.44 21.73 45.90
C THR E 262 -5.34 22.78 45.79
N ILE E 263 -4.91 23.09 44.56
CA ILE E 263 -3.92 24.16 44.37
C ILE E 263 -4.48 25.48 44.89
N LEU E 264 -5.75 25.76 44.58
CA LEU E 264 -6.34 27.02 45.05
C LEU E 264 -6.52 27.04 46.56
N LEU E 265 -6.84 25.91 47.18
CA LEU E 265 -7.02 25.91 48.63
C LEU E 265 -5.69 26.00 49.37
N ILE E 266 -4.62 25.44 48.80
CA ILE E 266 -3.30 25.67 49.40
C ILE E 266 -2.77 27.06 49.06
N LEU E 267 -3.30 27.70 48.00
CA LEU E 267 -3.04 29.13 47.81
C LEU E 267 -3.66 29.95 48.92
N ILE E 268 -4.97 29.78 49.16
CA ILE E 268 -5.62 30.52 50.24
C ILE E 268 -5.17 30.06 51.60
N GLN E 269 -4.38 28.99 51.66
CA GLN E 269 -3.75 28.63 52.96
C GLN E 269 -2.61 29.64 53.12
N ASN E 270 -2.04 30.11 52.01
CA ASN E 270 -0.87 31.03 52.12
C ASN E 270 -1.23 32.17 53.07
N PHE E 271 -2.48 32.63 53.04
CA PHE E 271 -2.92 33.71 53.97
C PHE E 271 -3.76 33.11 55.09
N LYS E 272 -4.66 32.16 54.76
CA LYS E 272 -5.56 31.58 55.79
C LYS E 272 -4.88 30.40 56.46
N GLN E 273 -3.88 30.67 57.32
CA GLN E 273 -3.16 29.60 58.04
C GLN E 273 -4.13 28.90 58.99
N ASP E 274 -5.18 29.61 59.43
CA ASP E 274 -6.17 29.02 60.37
C ASP E 274 -6.91 27.86 59.69
N LEU E 275 -6.96 27.86 58.36
CA LEU E 275 -7.69 26.79 57.62
C LEU E 275 -6.86 25.50 57.64
N VAL E 276 -6.82 24.81 58.77
CA VAL E 276 -6.07 23.51 58.85
C VAL E 276 -6.49 22.63 57.67
N ILE E 277 -5.51 22.12 56.91
CA ILE E 277 -5.83 21.24 55.80
C ILE E 277 -4.98 19.98 55.93
N TRP E 278 -5.52 18.88 55.41
CA TRP E 278 -4.87 17.58 55.57
C TRP E 278 -3.90 17.31 54.43
N PRO E 279 -2.63 17.03 54.73
CA PRO E 279 -1.70 16.57 53.68
C PRO E 279 -2.13 15.25 53.09
N SER E 280 -2.85 14.46 53.89
CA SER E 280 -3.43 13.22 53.38
C SER E 280 -4.43 13.50 52.25
N LEU E 281 -5.18 14.60 52.35
CA LEU E 281 -6.06 15.00 51.26
C LEU E 281 -5.27 15.33 50.01
N PHE E 282 -4.13 16.01 50.16
CA PHE E 282 -3.28 16.28 49.01
C PHE E 282 -2.77 14.98 48.38
N PHE E 283 -2.36 14.02 49.21
CA PHE E 283 -1.92 12.74 48.67
C PHE E 283 -3.05 12.02 47.94
N TRP E 284 -4.27 12.08 48.48
CA TRP E 284 -5.39 11.41 47.82
C TRP E 284 -5.74 12.05 46.49
N VAL E 285 -5.77 13.39 46.42
CA VAL E 285 -6.04 14.03 45.13
C VAL E 285 -4.92 13.79 44.15
N VAL E 286 -3.67 13.68 44.62
CA VAL E 286 -2.57 13.30 43.74
C VAL E 286 -2.74 11.88 43.22
N ALA E 287 -3.19 10.95 44.08
CA ALA E 287 -3.48 9.61 43.61
C ALA E 287 -4.60 9.60 42.58
N PHE E 288 -5.61 10.44 42.77
CA PHE E 288 -6.69 10.56 41.79
C PHE E 288 -6.16 11.09 40.46
N THR E 289 -5.27 12.09 40.51
CA THR E 289 -4.68 12.60 39.28
C THR E 289 -3.79 11.55 38.61
N PHE E 290 -3.13 10.70 39.40
CA PHE E 290 -2.40 9.58 38.82
C PHE E 290 -3.36 8.60 38.14
N ALA E 291 -4.48 8.31 38.79
CA ALA E 291 -5.50 7.44 38.19
C ALA E 291 -6.08 8.03 36.93
N ASN E 292 -6.04 9.36 36.78
CA ASN E 292 -6.40 9.99 35.51
C ASN E 292 -5.64 9.37 34.34
N SER E 293 -4.35 9.10 34.51
CA SER E 293 -3.56 8.49 33.45
C SER E 293 -3.93 7.03 33.21
N ALA E 294 -4.71 6.41 34.11
CA ALA E 294 -5.09 5.02 33.96
C ALA E 294 -6.21 4.80 32.96
N LEU E 295 -7.12 5.76 32.80
CA LEU E 295 -8.25 5.59 31.90
C LEU E 295 -8.23 6.54 30.70
N ASN E 296 -7.20 7.37 30.55
CA ASN E 296 -7.03 8.10 29.31
C ASN E 296 -6.92 7.18 28.10
N PRO E 297 -6.17 6.07 28.12
CA PRO E 297 -6.28 5.11 27.03
C PRO E 297 -7.67 4.54 26.87
N ILE E 298 -8.41 4.36 27.97
CA ILE E 298 -9.76 3.82 27.89
C ILE E 298 -10.68 4.78 27.14
N LEU E 299 -10.58 6.08 27.45
CA LEU E 299 -11.49 7.05 26.86
C LEU E 299 -11.24 7.22 25.36
N TYR E 300 -9.98 7.27 24.95
CA TYR E 300 -9.62 7.54 23.57
C TYR E 300 -9.48 6.27 22.73
N ASN E 301 -9.76 5.10 23.32
CA ASN E 301 -9.83 3.84 22.59
C ASN E 301 -11.06 3.06 23.02
N MET E 302 -12.17 3.77 23.24
CA MET E 302 -13.37 3.13 23.79
C MET E 302 -14.06 2.28 22.73
N THR E 303 -14.49 2.90 21.63
CA THR E 303 -15.21 2.18 20.59
C THR E 303 -14.33 1.20 19.83
N LEU E 304 -13.00 1.34 19.91
CA LEU E 304 -12.12 0.39 19.24
C LEU E 304 -12.23 -1.00 19.82
N CYS E 305 -12.37 -1.11 21.14
CA CYS E 305 -12.46 -2.41 21.81
C CYS E 305 -13.27 -2.24 23.08
N ARG E 306 -14.46 -2.84 23.13
CA ARG E 306 -15.31 -2.79 24.31
C ARG E 306 -15.04 -4.01 25.18
N ASN E 307 -13.85 -4.00 25.79
CA ASN E 307 -13.39 -5.09 26.66
C ASN E 307 -13.42 -6.43 25.92
N GLU E 308 -13.00 -6.40 24.66
CA GLU E 308 -12.98 -7.58 23.81
C GLU E 308 -14.34 -8.26 23.72
C1 HXA F . 2.25 29.00 50.77
O1 HXA F . 2.10 29.68 49.74
O2 HXA F . 3.04 29.29 51.68
C2 HXA F . 1.40 27.75 50.95
C3 HXA F . 1.57 26.69 49.85
C4 HXA F . 0.94 27.05 48.54
C5 HXA F . 1.59 27.25 47.41
C6 HXA F . 1.79 26.24 46.33
C7 HXA F . 1.24 26.64 44.99
C8 HXA F . 0.39 25.95 44.28
C9 HXA F . 0.52 24.49 43.95
C10 HXA F . 1.76 24.12 43.20
C11 HXA F . 2.07 22.91 42.77
C12 HXA F . 1.24 21.68 42.94
C13 HXA F . 1.82 20.48 42.28
C14 HXA F . 1.29 19.27 42.26
C15 HXA F . 1.80 18.10 41.47
C16 HXA F . 0.81 17.52 40.51
C17 HXA F . 0.22 18.16 39.53
C18 HXA F . -0.71 17.56 38.52
C19 HXA F . -1.28 18.56 37.57
C20 HXA F . -0.58 19.34 36.76
C21 HXA F . -1.07 20.60 36.11
C22 HXA F . -2.25 20.38 35.25
#